data_9ISZ
#
_entry.id   9ISZ
#
_cell.length_a   53.175
_cell.length_b   105.977
_cell.length_c   131.906
_cell.angle_alpha   90.000
_cell.angle_beta   90.000
_cell.angle_gamma   90.000
#
_symmetry.space_group_name_H-M   'P 21 21 21'
#
loop_
_entity.id
_entity.type
_entity.pdbx_description
1 polymer 'Histone-lysine N-methyltransferase, H3 lysine-9 specific'
2 polymer Ubiquitin
3 polymer 'Histone H3.1/H3.2'
4 non-polymer S-ADENOSYLMETHIONINE
5 non-polymer 'ZINC ION'
6 water water
#
loop_
_entity_poly.entity_id
_entity_poly.type
_entity_poly.pdbx_seq_one_letter_code
_entity_poly.pdbx_strand_id
1 'polypeptide(L)'
;GPSKLDSYTHLSFYEKRELFRKKLREIEGPEVTLVNEVDDEPCPSLDFQFISQYRLTQGVIPPDPNFQSGCNCSSLGGCD
LNNPSRCECLDDLDEPTHFAYDAQGRVRADTGAVIYECNSFCSCSMECPNRVVQRGRTLPLEIFKTKEKGWGVRSLRFAP
AGTFITCYLGEVITSAEAAKRDKNYDDDGITYLFDLDMFDDASEYTVDAQNYGDVSRFFNHSCSPNIAIYSAVRNHGFRT
IYDLAFFAIKDIQPLEELTFDYAGAKDFSPVQSQKSQQNRISKLRRQCKCGSANCRGWLFG
;
A,B
2 'polypeptide(L)' MQIFVKTLTGKTITLEVEPSDTIENVKAKIQDKEGIPPDQQRLIFAGKQLEDGRTLSDYNIQKESTLHLVLRLRGC C,D
3 'polypeptide(L)' TKQTAR(NLE)STGGCAPRKQ E,F
#
loop_
_chem_comp.id
_chem_comp.type
_chem_comp.name
_chem_comp.formula
SAM non-polymer S-ADENOSYLMETHIONINE 'C15 H22 N6 O5 S'
ZN non-polymer 'ZINC ION' 'Zn 2'
#
# COMPACT_ATOMS: atom_id res chain seq x y z
N ASP A 6 -12.31 -14.21 -21.19
CA ASP A 6 -12.54 -13.45 -22.42
C ASP A 6 -13.60 -14.12 -23.29
N SER A 7 -14.87 -13.73 -23.14
CA SER A 7 -15.85 -14.17 -24.12
C SER A 7 -16.03 -13.11 -25.19
N TYR A 8 -16.67 -12.00 -24.84
CA TYR A 8 -16.73 -10.78 -25.64
C TYR A 8 -17.20 -11.01 -27.07
N THR A 9 -17.68 -12.22 -27.37
CA THR A 9 -18.25 -12.52 -28.68
C THR A 9 -19.75 -12.32 -28.70
N HIS A 10 -20.42 -12.57 -27.57
CA HIS A 10 -21.83 -12.24 -27.43
C HIS A 10 -22.05 -10.80 -27.01
N LEU A 11 -20.98 -10.07 -26.71
CA LEU A 11 -21.06 -8.64 -26.45
C LEU A 11 -20.99 -7.87 -27.76
N SER A 12 -21.88 -6.90 -27.92
CA SER A 12 -21.95 -6.12 -29.15
C SER A 12 -20.89 -5.03 -29.12
N PHE A 13 -20.94 -4.13 -30.11
CA PHE A 13 -20.04 -2.98 -30.15
C PHE A 13 -20.28 -2.07 -28.95
N TYR A 14 -21.51 -1.58 -28.82
CA TYR A 14 -21.84 -0.65 -27.74
C TYR A 14 -21.74 -1.32 -26.38
N GLU A 15 -22.06 -2.61 -26.29
CA GLU A 15 -21.92 -3.33 -25.02
C GLU A 15 -20.46 -3.38 -24.60
N LYS A 16 -19.55 -3.70 -25.53
CA LYS A 16 -18.13 -3.74 -25.19
C LYS A 16 -17.62 -2.35 -24.81
N ARG A 17 -18.04 -1.32 -25.55
CA ARG A 17 -17.62 0.04 -25.22
C ARG A 17 -18.10 0.45 -23.83
N GLU A 18 -19.35 0.13 -23.51
CA GLU A 18 -19.88 0.50 -22.19
C GLU A 18 -19.25 -0.33 -21.08
N LEU A 19 -18.86 -1.57 -21.35
CA LEU A 19 -18.11 -2.34 -20.35
C LEU A 19 -16.76 -1.71 -20.07
N PHE A 20 -16.06 -1.28 -21.13
CA PHE A 20 -14.78 -0.61 -20.93
C PHE A 20 -14.97 0.70 -20.16
N ARG A 21 -16.04 1.43 -20.47
CA ARG A 21 -16.30 2.67 -19.74
C ARG A 21 -16.74 2.39 -18.29
N LYS A 22 -17.36 1.23 -18.04
CA LYS A 22 -17.61 0.81 -16.67
C LYS A 22 -16.30 0.60 -15.93
N LYS A 23 -15.32 0.01 -16.60
CA LYS A 23 -13.99 -0.10 -15.99
C LYS A 23 -13.39 1.27 -15.74
N LEU A 24 -13.53 2.19 -16.70
CA LEU A 24 -12.92 3.52 -16.57
C LEU A 24 -13.54 4.33 -15.43
N ARG A 25 -14.87 4.30 -15.30
CA ARG A 25 -15.54 5.14 -14.32
C ARG A 25 -15.20 4.74 -12.88
N GLU A 26 -14.69 3.53 -12.67
CA GLU A 26 -14.25 3.05 -11.37
C GLU A 26 -12.80 3.41 -11.08
N ILE A 27 -12.09 4.04 -12.02
CA ILE A 27 -10.71 4.43 -11.77
C ILE A 27 -10.68 5.59 -10.78
N GLU A 28 -9.78 5.50 -9.81
CA GLU A 28 -9.66 6.53 -8.78
C GLU A 28 -9.22 7.86 -9.39
N GLY A 29 -9.83 8.94 -8.93
CA GLY A 29 -9.37 10.28 -9.25
C GLY A 29 -10.12 10.93 -10.38
N PRO A 30 -9.46 11.85 -11.09
CA PRO A 30 -10.11 12.55 -12.20
C PRO A 30 -10.58 11.56 -13.25
N GLU A 31 -11.66 11.92 -13.94
CA GLU A 31 -12.30 10.98 -14.83
C GLU A 31 -11.37 10.61 -15.98
N VAL A 32 -11.42 9.34 -16.37
CA VAL A 32 -10.76 8.84 -17.57
C VAL A 32 -11.87 8.43 -18.53
N THR A 33 -11.75 8.87 -19.78
CA THR A 33 -12.81 8.69 -20.76
C THR A 33 -12.25 8.01 -22.01
N LEU A 34 -13.16 7.67 -22.92
CA LEU A 34 -12.81 6.89 -24.11
C LEU A 34 -13.55 7.45 -25.32
N VAL A 35 -12.79 7.81 -26.36
CA VAL A 35 -13.35 8.28 -27.62
C VAL A 35 -12.63 7.59 -28.76
N ASN A 36 -13.32 7.49 -29.90
CA ASN A 36 -12.77 6.87 -31.10
C ASN A 36 -13.22 7.68 -32.31
N GLU A 37 -12.26 8.31 -33.00
CA GLU A 37 -12.55 9.17 -34.14
C GLU A 37 -11.83 8.70 -35.41
N VAL A 38 -11.42 7.44 -35.46
CA VAL A 38 -10.72 6.91 -36.63
C VAL A 38 -11.46 5.71 -37.20
N ASP A 39 -11.61 4.67 -36.41
CA ASP A 39 -12.21 3.42 -36.86
C ASP A 39 -13.40 3.07 -35.96
N ASP A 40 -13.96 1.89 -36.20
CA ASP A 40 -15.16 1.41 -35.50
C ASP A 40 -14.82 0.32 -34.50
N GLU A 41 -13.66 0.45 -33.85
CA GLU A 41 -13.27 -0.48 -32.80
C GLU A 41 -13.91 -0.07 -31.48
N PRO A 42 -14.55 -0.99 -30.76
CA PRO A 42 -15.30 -0.60 -29.54
C PRO A 42 -14.42 -0.05 -28.43
N CYS A 43 -13.32 -0.74 -28.13
CA CYS A 43 -12.50 -0.39 -26.97
C CYS A 43 -11.19 -1.18 -26.99
N PRO A 44 -10.25 -0.89 -26.07
CA PRO A 44 -9.09 -1.78 -25.93
C PRO A 44 -9.48 -3.12 -25.32
N SER A 45 -8.50 -3.99 -25.11
CA SER A 45 -8.78 -5.33 -24.60
C SER A 45 -9.58 -5.27 -23.31
N LEU A 46 -10.65 -6.06 -23.23
CA LEU A 46 -11.54 -6.07 -22.08
C LEU A 46 -11.06 -6.99 -20.95
N ASP A 47 -10.05 -7.83 -21.21
CA ASP A 47 -9.48 -8.64 -20.13
C ASP A 47 -8.68 -7.80 -19.15
N PHE A 48 -8.31 -6.58 -19.55
CA PHE A 48 -7.46 -5.75 -18.71
C PHE A 48 -8.22 -5.30 -17.46
N GLN A 49 -7.53 -5.31 -16.33
CA GLN A 49 -8.08 -4.83 -15.07
C GLN A 49 -7.23 -3.66 -14.57
N PHE A 50 -7.89 -2.58 -14.18
CA PHE A 50 -7.18 -1.39 -13.70
C PHE A 50 -6.79 -1.53 -12.25
N ILE A 51 -5.60 -1.02 -11.91
CA ILE A 51 -5.08 -1.07 -10.55
C ILE A 51 -4.59 0.31 -10.16
N SER A 52 -4.54 0.56 -8.85
CA SER A 52 -4.14 1.86 -8.33
C SER A 52 -2.73 1.87 -7.75
N GLN A 53 -2.02 0.74 -7.81
CA GLN A 53 -0.67 0.67 -7.25
C GLN A 53 0.01 -0.58 -7.77
N TYR A 54 1.30 -0.71 -7.44
CA TYR A 54 2.08 -1.87 -7.86
C TYR A 54 1.47 -3.15 -7.33
N ARG A 55 1.45 -4.18 -8.18
CA ARG A 55 1.04 -5.52 -7.81
C ARG A 55 2.29 -6.39 -7.87
N LEU A 56 2.95 -6.56 -6.72
CA LEU A 56 4.14 -7.37 -6.64
C LEU A 56 3.81 -8.85 -6.86
N THR A 57 4.77 -9.59 -7.38
CA THR A 57 4.60 -11.02 -7.68
C THR A 57 5.60 -11.83 -6.88
N GLN A 58 5.63 -13.14 -7.14
CA GLN A 58 6.53 -14.04 -6.45
C GLN A 58 7.99 -13.74 -6.81
N GLY A 59 8.87 -13.80 -5.81
CA GLY A 59 10.28 -13.56 -6.05
C GLY A 59 10.67 -12.11 -6.21
N VAL A 60 9.81 -11.19 -5.80
CA VAL A 60 10.08 -9.76 -5.87
C VAL A 60 10.18 -9.26 -4.43
N ILE A 61 11.41 -9.00 -3.98
CA ILE A 61 11.65 -8.52 -2.62
C ILE A 61 11.14 -7.09 -2.49
N PRO A 62 10.09 -6.87 -1.72
CA PRO A 62 9.53 -5.52 -1.60
C PRO A 62 10.35 -4.66 -0.66
N PRO A 63 10.14 -3.34 -0.67
CA PRO A 63 10.94 -2.45 0.20
C PRO A 63 10.79 -2.83 1.67
N ASP A 64 11.92 -3.07 2.31
CA ASP A 64 11.95 -3.30 3.75
C ASP A 64 11.82 -1.97 4.47
N PRO A 65 10.76 -1.75 5.25
CA PRO A 65 10.59 -0.45 5.93
C PRO A 65 11.61 -0.21 7.03
N ASN A 66 12.33 -1.24 7.46
CA ASN A 66 13.35 -1.05 8.48
C ASN A 66 14.50 -0.18 8.00
N PHE A 67 14.67 -0.03 6.68
CA PHE A 67 15.71 0.80 6.09
C PHE A 67 15.18 2.16 5.66
N GLN A 68 14.02 2.55 6.15
CA GLN A 68 13.36 3.79 5.75
C GLN A 68 13.37 4.77 6.91
N SER A 69 13.59 6.04 6.61
CA SER A 69 13.66 7.09 7.62
C SER A 69 12.92 8.33 7.13
N GLY A 70 12.16 8.93 8.03
CA GLY A 70 11.35 10.10 7.71
C GLY A 70 11.93 11.36 8.31
N CYS A 71 11.64 12.49 7.66
CA CYS A 71 12.02 13.79 8.20
C CYS A 71 11.13 14.14 9.40
N ASN A 72 11.39 15.30 10.00
CA ASN A 72 10.59 15.83 11.10
C ASN A 72 10.25 17.30 10.86
N CYS A 73 9.81 17.62 9.65
CA CYS A 73 9.44 18.98 9.32
C CYS A 73 8.02 19.28 9.85
N SER A 74 7.55 20.50 9.61
CA SER A 74 6.31 20.95 10.21
C SER A 74 5.15 20.06 9.79
N SER A 75 4.35 19.62 10.77
CA SER A 75 3.22 18.75 10.46
C SER A 75 2.10 19.51 9.79
N LEU A 76 1.98 20.82 10.04
CA LEU A 76 0.89 21.60 9.49
C LEU A 76 1.10 21.89 8.00
N GLY A 77 2.14 22.66 7.69
CA GLY A 77 2.40 23.07 6.33
C GLY A 77 3.34 22.16 5.56
N GLY A 78 3.60 20.96 6.08
CA GLY A 78 4.57 20.10 5.45
C GLY A 78 5.97 20.66 5.57
N CYS A 79 6.87 20.08 4.78
CA CYS A 79 8.21 20.61 4.66
C CYS A 79 8.20 21.92 3.89
N ASP A 80 9.04 22.86 4.31
CA ASP A 80 9.12 24.16 3.67
C ASP A 80 10.16 24.11 2.56
N LEU A 81 9.74 24.41 1.33
CA LEU A 81 10.65 24.40 0.20
C LEU A 81 11.74 25.46 0.33
N ASN A 82 11.53 26.48 1.17
CA ASN A 82 12.52 27.51 1.37
C ASN A 82 13.68 27.07 2.27
N ASN A 83 13.48 26.04 3.09
CA ASN A 83 14.53 25.52 3.98
C ASN A 83 14.67 24.02 3.75
N PRO A 84 15.32 23.62 2.65
CA PRO A 84 15.49 22.19 2.38
C PRO A 84 16.55 21.52 3.26
N SER A 85 17.43 22.29 3.89
CA SER A 85 18.47 21.68 4.72
C SER A 85 17.87 21.02 5.95
N ARG A 86 16.81 21.59 6.51
CA ARG A 86 16.19 21.02 7.70
C ARG A 86 15.58 19.66 7.41
N CYS A 87 15.14 19.43 6.18
CA CYS A 87 14.42 18.21 5.83
C CYS A 87 15.38 17.01 5.82
N GLU A 88 15.13 16.06 6.73
CA GLU A 88 16.04 14.93 6.88
C GLU A 88 16.03 14.04 5.64
N CYS A 89 14.85 13.82 5.05
CA CYS A 89 14.75 12.94 3.89
C CYS A 89 15.16 13.63 2.59
N LEU A 90 15.89 14.73 2.68
CA LEU A 90 16.54 15.35 1.53
C LEU A 90 18.06 15.31 1.63
N ASP A 91 18.60 14.73 2.70
CA ASP A 91 20.04 14.64 2.91
C ASP A 91 20.70 13.55 2.09
N ASP A 92 19.95 12.86 1.23
CA ASP A 92 20.48 11.78 0.41
C ASP A 92 20.86 12.21 -1.00
N LEU A 93 20.43 13.39 -1.43
CA LEU A 93 20.76 13.85 -2.77
C LEU A 93 22.20 14.33 -2.86
N ASP A 94 22.70 14.99 -1.81
CA ASP A 94 24.12 15.36 -1.67
C ASP A 94 24.61 16.28 -2.80
N GLU A 95 23.98 17.43 -2.87
CA GLU A 95 24.17 18.43 -3.91
C GLU A 95 23.64 19.74 -3.32
N PRO A 96 23.56 20.84 -4.09
CA PRO A 96 22.95 22.02 -3.45
C PRO A 96 21.72 21.59 -2.64
N THR A 97 20.96 20.58 -3.06
CA THR A 97 19.89 20.01 -2.23
C THR A 97 18.65 20.91 -2.20
N HIS A 98 18.04 21.01 -3.36
CA HIS A 98 16.76 21.69 -3.54
C HIS A 98 15.66 20.66 -3.65
N PHE A 99 14.48 21.02 -3.15
CA PHE A 99 13.33 20.15 -3.26
C PHE A 99 12.95 19.95 -4.72
N ALA A 100 12.52 18.72 -5.05
CA ALA A 100 12.23 18.39 -6.44
C ALA A 100 11.08 19.23 -7.00
N TYR A 101 10.14 19.65 -6.16
CA TYR A 101 8.96 20.37 -6.61
C TYR A 101 9.05 21.84 -6.24
N ASP A 102 8.09 22.61 -6.77
CA ASP A 102 7.94 24.02 -6.46
C ASP A 102 6.72 24.21 -5.57
N ALA A 103 6.38 25.46 -5.28
CA ALA A 103 5.18 25.76 -4.50
C ALA A 103 3.92 25.26 -5.20
N GLN A 104 3.89 25.31 -6.52
CA GLN A 104 2.72 24.91 -7.29
C GLN A 104 2.63 23.41 -7.51
N GLY A 105 3.45 22.62 -6.83
CA GLY A 105 3.38 21.18 -6.93
C GLY A 105 3.99 20.58 -8.17
N ARG A 106 4.57 21.40 -9.06
CA ARG A 106 5.19 20.92 -10.27
C ARG A 106 6.67 20.66 -10.04
N VAL A 107 7.20 19.61 -10.69
CA VAL A 107 8.62 19.34 -10.62
C VAL A 107 9.39 20.49 -11.25
N ARG A 108 10.55 20.80 -10.68
CA ARG A 108 11.35 21.91 -11.17
C ARG A 108 12.07 21.52 -12.45
N ALA A 109 12.26 22.52 -13.33
CA ALA A 109 12.91 22.27 -14.61
C ALA A 109 14.38 21.87 -14.43
N ASP A 110 15.00 22.22 -13.31
CA ASP A 110 16.38 21.86 -13.05
C ASP A 110 16.52 20.59 -12.22
N THR A 111 15.42 20.05 -11.70
CA THR A 111 15.47 18.84 -10.89
C THR A 111 15.93 17.66 -11.73
N GLY A 112 16.77 16.81 -11.13
CA GLY A 112 17.27 15.63 -11.81
C GLY A 112 16.21 14.57 -12.06
N ALA A 113 16.66 13.33 -12.28
CA ALA A 113 15.77 12.24 -12.63
C ALA A 113 15.23 11.47 -11.44
N VAL A 114 15.80 11.65 -10.25
CA VAL A 114 15.39 10.92 -9.05
C VAL A 114 14.62 11.87 -8.14
N ILE A 115 13.45 11.43 -7.68
CA ILE A 115 12.61 12.20 -6.77
C ILE A 115 12.60 11.49 -5.42
N TYR A 116 12.95 12.23 -4.37
CA TYR A 116 12.90 11.74 -3.00
C TYR A 116 11.73 12.40 -2.31
N GLU A 117 10.71 11.61 -1.98
CA GLU A 117 9.50 12.10 -1.35
C GLU A 117 9.43 11.65 0.11
N CYS A 118 8.54 12.29 0.85
CA CYS A 118 8.32 11.91 2.24
C CYS A 118 7.52 10.61 2.32
N ASN A 119 7.72 9.89 3.42
CA ASN A 119 7.13 8.58 3.65
C ASN A 119 6.30 8.62 4.93
N SER A 120 5.84 7.44 5.35
CA SER A 120 5.08 7.34 6.60
C SER A 120 5.85 7.83 7.82
N PHE A 121 7.17 7.67 7.83
CA PHE A 121 7.95 8.07 8.99
C PHE A 121 8.11 9.57 9.13
N CYS A 122 7.81 10.34 8.08
CA CYS A 122 7.85 11.78 8.19
C CYS A 122 6.67 12.28 9.03
N SER A 123 6.88 13.39 9.73
CA SER A 123 5.84 13.97 10.57
C SER A 123 4.96 14.96 9.82
N CYS A 124 5.32 15.33 8.59
CA CYS A 124 4.50 16.25 7.83
C CYS A 124 3.20 15.57 7.39
N SER A 125 2.19 16.39 7.12
CA SER A 125 0.89 15.89 6.71
C SER A 125 0.95 15.40 5.26
N MET A 126 -0.18 14.88 4.79
CA MET A 126 -0.30 14.45 3.40
C MET A 126 -0.37 15.62 2.43
N GLU A 127 -0.62 16.84 2.91
CA GLU A 127 -0.59 18.03 2.07
C GLU A 127 0.82 18.58 1.89
N CYS A 128 1.83 17.81 2.27
CA CYS A 128 3.20 18.28 2.18
C CYS A 128 3.56 18.61 0.72
N PRO A 129 4.35 19.66 0.49
CA PRO A 129 4.74 19.98 -0.89
C PRO A 129 5.55 18.89 -1.57
N ASN A 130 6.19 18.00 -0.80
CA ASN A 130 7.06 16.95 -1.34
C ASN A 130 6.37 15.58 -1.34
N ARG A 131 5.06 15.55 -1.58
CA ARG A 131 4.30 14.31 -1.69
C ARG A 131 3.39 14.37 -2.91
N VAL A 132 3.88 14.93 -4.01
CA VAL A 132 3.03 15.17 -5.18
C VAL A 132 2.59 13.85 -5.80
N VAL A 133 3.53 12.93 -6.00
CA VAL A 133 3.20 11.65 -6.64
C VAL A 133 2.25 10.84 -5.79
N GLN A 134 2.39 10.92 -4.46
CA GLN A 134 1.52 10.14 -3.57
C GLN A 134 0.07 10.62 -3.65
N ARG A 135 -0.15 11.93 -3.82
CA ARG A 135 -1.51 12.46 -3.86
C ARG A 135 -2.29 12.00 -5.08
N GLY A 136 -1.61 11.52 -6.12
CA GLY A 136 -2.28 10.91 -7.25
C GLY A 136 -2.53 11.87 -8.40
N ARG A 137 -3.27 11.35 -9.37
CA ARG A 137 -3.51 12.06 -10.62
C ARG A 137 -4.42 13.27 -10.40
N THR A 138 -4.17 14.32 -11.18
CA THR A 138 -5.00 15.52 -11.16
C THR A 138 -5.59 15.86 -12.52
N LEU A 139 -5.07 15.30 -13.61
CA LEU A 139 -5.49 15.62 -14.96
C LEU A 139 -6.49 14.59 -15.46
N PRO A 140 -7.66 15.01 -15.94
CA PRO A 140 -8.54 14.08 -16.67
C PRO A 140 -7.94 13.72 -18.02
N LEU A 141 -7.92 12.44 -18.33
CA LEU A 141 -7.27 11.92 -19.52
C LEU A 141 -8.28 11.21 -20.41
N GLU A 142 -8.15 11.44 -21.71
CA GLU A 142 -9.02 10.85 -22.72
C GLU A 142 -8.23 9.78 -23.46
N ILE A 143 -8.73 8.55 -23.44
CA ILE A 143 -8.16 7.47 -24.24
C ILE A 143 -8.79 7.51 -25.62
N PHE A 144 -7.98 7.70 -26.65
CA PHE A 144 -8.48 7.88 -28.00
C PHE A 144 -7.70 7.01 -28.97
N LYS A 145 -8.37 6.66 -30.08
CA LYS A 145 -7.78 5.81 -31.10
C LYS A 145 -6.91 6.65 -32.03
N THR A 146 -5.61 6.41 -32.01
CA THR A 146 -4.70 7.06 -32.93
C THR A 146 -4.81 6.42 -34.31
N LYS A 147 -4.11 6.99 -35.29
CA LYS A 147 -4.22 6.48 -36.65
C LYS A 147 -3.15 5.44 -36.99
N GLU A 148 -1.95 5.54 -36.40
CA GLU A 148 -0.86 4.62 -36.73
C GLU A 148 -0.18 4.05 -35.51
N LYS A 149 -0.73 4.22 -34.32
CA LYS A 149 -0.11 3.65 -33.12
C LYS A 149 -1.09 2.91 -32.21
N GLY A 150 -2.35 2.74 -32.59
CA GLY A 150 -3.32 2.10 -31.73
C GLY A 150 -3.96 3.08 -30.76
N TRP A 151 -4.21 2.65 -29.52
CA TRP A 151 -4.75 3.55 -28.50
C TRP A 151 -3.67 4.49 -27.98
N GLY A 152 -4.12 5.67 -27.51
CA GLY A 152 -3.24 6.66 -26.93
C GLY A 152 -4.01 7.47 -25.91
N VAL A 153 -3.28 8.31 -25.19
CA VAL A 153 -3.86 9.14 -24.14
C VAL A 153 -3.59 10.60 -24.47
N ARG A 154 -4.62 11.43 -24.36
CA ARG A 154 -4.51 12.86 -24.52
C ARG A 154 -5.02 13.53 -23.25
N SER A 155 -4.56 14.76 -23.02
CA SER A 155 -4.99 15.52 -21.86
C SER A 155 -6.20 16.37 -22.22
N LEU A 156 -7.05 16.63 -21.22
CA LEU A 156 -8.26 17.39 -21.43
C LEU A 156 -8.18 18.82 -20.90
N ARG A 157 -7.37 19.07 -19.88
CA ARG A 157 -7.18 20.40 -19.32
C ARG A 157 -5.73 20.82 -19.55
N PHE A 158 -5.46 22.10 -19.32
CA PHE A 158 -4.12 22.62 -19.50
C PHE A 158 -3.18 22.05 -18.45
N ALA A 159 -1.97 21.68 -18.89
CA ALA A 159 -0.95 21.12 -18.02
C ALA A 159 0.37 21.84 -18.25
N PRO A 160 0.78 22.71 -17.33
CA PRO A 160 2.07 23.40 -17.49
C PRO A 160 3.23 22.42 -17.35
N ALA A 161 4.38 22.84 -17.87
CA ALA A 161 5.58 22.03 -17.78
C ALA A 161 5.93 21.78 -16.32
N GLY A 162 6.14 20.51 -15.97
CA GLY A 162 6.40 20.10 -14.61
C GLY A 162 5.23 19.45 -13.91
N THR A 163 4.04 19.47 -14.51
CA THR A 163 2.86 18.92 -13.87
C THR A 163 2.92 17.39 -13.84
N PHE A 164 2.61 16.81 -12.68
CA PHE A 164 2.51 15.37 -12.56
C PHE A 164 1.29 14.85 -13.31
N ILE A 165 1.43 13.65 -13.87
CA ILE A 165 0.37 13.08 -14.70
C ILE A 165 -0.20 11.82 -14.07
N THR A 166 0.63 10.78 -13.96
CA THR A 166 0.18 9.48 -13.47
C THR A 166 1.38 8.55 -13.36
N CYS A 167 1.22 7.48 -12.58
CA CYS A 167 2.25 6.47 -12.41
C CYS A 167 2.07 5.35 -13.43
N TYR A 168 3.20 4.81 -13.89
CA TYR A 168 3.16 3.59 -14.69
C TYR A 168 3.07 2.41 -13.72
N LEU A 169 1.91 1.74 -13.72
CA LEU A 169 1.62 0.67 -12.80
C LEU A 169 1.47 -0.64 -13.55
N GLY A 170 1.43 -1.73 -12.78
CA GLY A 170 1.30 -3.06 -13.36
C GLY A 170 1.82 -4.10 -12.40
N GLU A 171 2.11 -5.29 -12.95
CA GLU A 171 2.70 -6.37 -12.18
C GLU A 171 4.21 -6.17 -12.09
N VAL A 172 4.74 -6.08 -10.87
CA VAL A 172 6.18 -6.07 -10.69
C VAL A 172 6.67 -7.50 -10.72
N ILE A 173 7.55 -7.81 -11.66
CA ILE A 173 8.02 -9.18 -11.89
C ILE A 173 9.54 -9.19 -11.93
N THR A 174 10.09 -10.37 -11.66
CA THR A 174 11.53 -10.54 -11.65
C THR A 174 12.09 -10.57 -13.07
N SER A 175 13.42 -10.55 -13.15
CA SER A 175 14.07 -10.61 -14.46
C SER A 175 13.77 -11.94 -15.15
N ALA A 176 13.70 -13.03 -14.38
CA ALA A 176 13.37 -14.33 -14.97
C ALA A 176 11.95 -14.34 -15.53
N GLU A 177 10.98 -13.82 -14.76
CA GLU A 177 9.61 -13.78 -15.24
C GLU A 177 9.46 -12.85 -16.44
N ALA A 178 10.15 -11.70 -16.41
CA ALA A 178 10.10 -10.80 -17.54
C ALA A 178 10.69 -11.43 -18.79
N ALA A 179 11.82 -12.12 -18.65
CA ALA A 179 12.42 -12.81 -19.78
C ALA A 179 11.51 -13.91 -20.32
N LYS A 180 10.65 -14.47 -19.46
CA LYS A 180 9.67 -15.45 -19.91
C LYS A 180 8.53 -14.81 -20.70
N ARG A 181 8.28 -13.53 -20.47
CA ARG A 181 7.12 -12.94 -21.10
C ARG A 181 7.46 -11.89 -22.09
N ASP A 182 8.62 -12.01 -22.68
CA ASP A 182 8.97 -11.09 -23.71
C ASP A 182 8.47 -11.65 -25.04
N LYS A 183 7.16 -11.79 -25.17
CA LYS A 183 6.59 -12.25 -26.43
C LYS A 183 6.05 -11.03 -27.21
N ASN A 184 6.87 -10.44 -28.06
CA ASN A 184 6.45 -9.25 -28.77
C ASN A 184 7.03 -9.21 -30.19
N ASP A 187 4.84 -12.08 -31.32
CA ASP A 187 3.40 -11.98 -31.15
C ASP A 187 2.98 -10.55 -31.14
N ASP A 188 3.01 -9.91 -32.31
CA ASP A 188 2.58 -8.51 -32.44
C ASP A 188 3.54 -7.54 -31.79
N GLY A 189 3.73 -6.39 -32.41
CA GLY A 189 4.58 -5.37 -31.82
C GLY A 189 3.85 -4.83 -30.62
N ILE A 190 3.70 -5.65 -29.59
CA ILE A 190 2.96 -5.26 -28.39
C ILE A 190 3.85 -5.58 -27.18
N THR A 191 4.25 -4.54 -26.46
CA THR A 191 5.14 -4.68 -25.31
C THR A 191 4.65 -3.79 -24.18
N TYR A 192 4.63 -4.34 -22.96
CA TYR A 192 4.25 -3.57 -21.78
C TYR A 192 5.31 -3.69 -20.69
N LEU A 193 6.50 -4.15 -21.04
CA LEU A 193 7.59 -4.33 -20.08
C LEU A 193 8.32 -3.01 -19.91
N PHE A 194 8.35 -2.50 -18.68
CA PHE A 194 9.09 -1.30 -18.33
C PHE A 194 10.13 -1.70 -17.29
N ASP A 195 11.41 -1.64 -17.67
CA ASP A 195 12.47 -2.04 -16.76
C ASP A 195 12.68 -0.97 -15.70
N LEU A 196 12.81 -1.38 -14.45
CA LEU A 196 13.16 -0.48 -13.35
C LEU A 196 14.69 -0.31 -13.30
N ASP A 197 15.23 0.17 -14.41
CA ASP A 197 16.67 0.31 -14.59
C ASP A 197 17.17 1.73 -14.31
N MET A 198 16.46 2.46 -13.45
CA MET A 198 16.90 3.81 -13.10
C MET A 198 18.26 3.79 -12.41
N PHE A 199 18.46 2.83 -11.51
CA PHE A 199 19.72 2.68 -10.79
C PHE A 199 20.40 1.40 -11.24
N ASP A 200 21.63 1.54 -11.76
CA ASP A 200 22.36 0.38 -12.27
C ASP A 200 22.69 -0.61 -11.16
N ASP A 201 22.82 -0.13 -9.92
CA ASP A 201 23.21 -1.00 -8.82
C ASP A 201 22.07 -1.86 -8.30
N ALA A 202 20.82 -1.57 -8.66
CA ALA A 202 19.70 -2.39 -8.21
C ALA A 202 18.98 -3.09 -9.36
N SER A 203 18.40 -2.32 -10.29
CA SER A 203 17.59 -2.85 -11.40
C SER A 203 16.77 -4.07 -11.02
N GLU A 204 16.94 -5.16 -11.76
CA GLU A 204 16.50 -6.50 -11.39
C GLU A 204 14.99 -6.72 -11.49
N TYR A 205 14.22 -5.66 -11.72
CA TYR A 205 12.77 -5.77 -11.70
C TYR A 205 12.17 -5.09 -12.93
N THR A 206 10.97 -5.54 -13.31
CA THR A 206 10.28 -5.01 -14.47
C THR A 206 8.79 -4.94 -14.19
N VAL A 207 8.16 -3.83 -14.55
CA VAL A 207 6.71 -3.70 -14.41
C VAL A 207 6.06 -4.02 -15.76
N ASP A 208 5.19 -5.02 -15.76
CA ASP A 208 4.48 -5.46 -16.94
C ASP A 208 3.05 -4.98 -16.84
N ALA A 209 2.57 -4.30 -17.89
CA ALA A 209 1.22 -3.76 -17.91
C ALA A 209 0.28 -4.56 -18.81
N GLN A 210 0.67 -5.78 -19.21
CA GLN A 210 -0.14 -6.53 -20.17
C GLN A 210 -1.53 -6.81 -19.62
N ASN A 211 -1.62 -7.24 -18.37
CA ASN A 211 -2.88 -7.65 -17.77
C ASN A 211 -3.38 -6.70 -16.68
N TYR A 212 -2.49 -5.99 -16.00
CA TYR A 212 -2.86 -5.02 -14.99
C TYR A 212 -1.97 -3.80 -15.13
N GLY A 213 -2.52 -2.64 -14.80
CA GLY A 213 -1.75 -1.41 -14.94
C GLY A 213 -2.65 -0.19 -14.84
N ASP A 214 -2.12 0.93 -15.33
CA ASP A 214 -2.72 2.25 -15.24
C ASP A 214 -3.02 2.77 -16.64
N VAL A 215 -3.57 3.99 -16.70
CA VAL A 215 -3.86 4.60 -18.00
C VAL A 215 -2.58 4.97 -18.73
N SER A 216 -1.48 5.19 -17.98
CA SER A 216 -0.17 5.42 -18.58
C SER A 216 0.24 4.25 -19.47
N ARG A 217 -0.45 3.12 -19.36
CA ARG A 217 -0.17 1.96 -20.20
C ARG A 217 -0.43 2.20 -21.66
N PHE A 218 -1.27 3.19 -21.94
CA PHE A 218 -1.55 3.55 -23.32
C PHE A 218 -0.64 4.66 -23.85
N PHE A 219 0.31 5.14 -23.05
CA PHE A 219 1.20 6.20 -23.52
C PHE A 219 2.06 5.68 -24.67
N ASN A 220 2.04 6.40 -25.79
CA ASN A 220 2.76 5.99 -26.98
C ASN A 220 4.14 6.64 -27.03
N HIS A 221 5.09 5.92 -27.63
CA HIS A 221 6.45 6.42 -27.75
C HIS A 221 6.54 7.56 -28.76
N SER A 222 7.41 8.51 -28.48
CA SER A 222 7.75 9.58 -29.41
C SER A 222 9.22 9.92 -29.27
N CYS A 223 9.87 10.19 -30.41
CA CYS A 223 11.26 10.63 -30.40
C CYS A 223 11.39 12.07 -29.93
N SER A 224 10.29 12.84 -29.95
CA SER A 224 10.26 14.20 -29.41
C SER A 224 9.08 14.26 -28.45
N PRO A 225 9.24 13.71 -27.25
CA PRO A 225 8.11 13.60 -26.32
C PRO A 225 7.79 14.94 -25.65
N ASN A 226 6.64 14.97 -24.97
CA ASN A 226 6.27 16.08 -24.11
C ASN A 226 6.28 15.73 -22.63
N ILE A 227 6.35 14.44 -22.28
CA ILE A 227 6.39 14.00 -20.91
C ILE A 227 7.57 13.05 -20.72
N ALA A 228 8.03 12.94 -19.49
CA ALA A 228 9.17 12.10 -19.14
C ALA A 228 8.85 11.32 -17.88
N ILE A 229 9.73 10.36 -17.56
CA ILE A 229 9.53 9.46 -16.43
C ILE A 229 10.52 9.82 -15.34
N TYR A 230 10.07 9.73 -14.08
CA TYR A 230 10.88 10.04 -12.92
C TYR A 230 10.72 8.92 -11.90
N SER A 231 11.81 8.64 -11.19
CA SER A 231 11.81 7.61 -10.14
C SER A 231 11.46 8.29 -8.83
N ALA A 232 10.21 8.12 -8.40
CA ALA A 232 9.75 8.66 -7.12
C ALA A 232 10.04 7.64 -6.02
N VAL A 233 10.83 8.06 -5.03
CA VAL A 233 11.32 7.19 -3.98
C VAL A 233 10.70 7.61 -2.66
N ARG A 234 10.10 6.66 -1.95
CA ARG A 234 9.61 6.89 -0.60
C ARG A 234 10.43 6.19 0.47
N ASN A 235 10.99 5.01 0.16
CA ASN A 235 12.02 4.39 0.98
C ASN A 235 13.35 4.72 0.32
N HIS A 236 14.01 5.77 0.79
CA HIS A 236 15.22 6.24 0.14
C HIS A 236 16.34 5.20 0.17
N GLY A 237 16.31 4.30 1.15
CA GLY A 237 17.34 3.26 1.21
C GLY A 237 17.27 2.30 0.04
N PHE A 238 16.07 1.83 -0.30
CA PHE A 238 15.88 0.86 -1.36
C PHE A 238 15.80 1.53 -2.73
N ARG A 239 16.32 0.83 -3.73
CA ARG A 239 16.31 1.32 -5.11
C ARG A 239 15.83 0.26 -6.08
N THR A 240 15.22 -0.83 -5.59
CA THR A 240 14.73 -1.91 -6.42
C THR A 240 13.32 -1.67 -6.95
N ILE A 241 12.42 -1.17 -6.10
CA ILE A 241 11.05 -0.87 -6.47
C ILE A 241 10.77 0.58 -6.10
N TYR A 242 10.17 1.33 -7.04
CA TYR A 242 9.90 2.75 -6.82
C TYR A 242 8.83 3.18 -7.81
N ASP A 243 8.22 4.33 -7.52
CA ASP A 243 7.17 4.85 -8.39
C ASP A 243 7.76 5.32 -9.71
N LEU A 244 7.08 4.99 -10.82
CA LEU A 244 7.43 5.48 -12.14
C LEU A 244 6.45 6.60 -12.49
N ALA A 245 6.75 7.80 -12.02
CA ALA A 245 5.84 8.93 -12.18
C ALA A 245 6.10 9.63 -13.51
N PHE A 246 5.03 10.03 -14.18
CA PHE A 246 5.14 10.75 -15.45
C PHE A 246 4.94 12.24 -15.18
N PHE A 247 5.93 13.04 -15.58
CA PHE A 247 5.87 14.49 -15.43
C PHE A 247 5.99 15.14 -16.80
N ALA A 248 5.14 16.14 -17.04
CA ALA A 248 5.22 16.89 -18.29
C ALA A 248 6.44 17.80 -18.26
N ILE A 249 7.37 17.59 -19.19
CA ILE A 249 8.49 18.50 -19.33
C ILE A 249 8.21 19.61 -20.33
N LYS A 250 7.24 19.42 -21.21
CA LYS A 250 6.79 20.44 -22.16
C LYS A 250 5.36 20.84 -21.81
N ASP A 251 5.04 22.11 -22.09
CA ASP A 251 3.66 22.55 -21.93
C ASP A 251 2.76 21.79 -22.90
N ILE A 252 1.62 21.31 -22.39
CA ILE A 252 0.69 20.48 -23.15
C ILE A 252 -0.64 21.20 -23.23
N GLN A 253 -1.18 21.32 -24.43
CA GLN A 253 -2.51 21.86 -24.63
C GLN A 253 -3.55 20.76 -24.51
N PRO A 254 -4.82 21.12 -24.27
CA PRO A 254 -5.87 20.10 -24.26
C PRO A 254 -5.96 19.38 -25.60
N LEU A 255 -6.31 18.10 -25.54
CA LEU A 255 -6.47 17.18 -26.67
C LEU A 255 -5.14 16.75 -27.27
N GLU A 256 -4.01 17.28 -26.79
CA GLU A 256 -2.71 16.83 -27.27
C GLU A 256 -2.37 15.48 -26.67
N GLU A 257 -1.91 14.56 -27.51
CA GLU A 257 -1.56 13.23 -27.03
C GLU A 257 -0.31 13.28 -26.15
N LEU A 258 -0.37 12.56 -25.03
CA LEU A 258 0.76 12.48 -24.11
C LEU A 258 1.71 11.40 -24.58
N THR A 259 2.97 11.76 -24.83
CA THR A 259 3.97 10.83 -25.34
C THR A 259 5.25 10.93 -24.53
N PHE A 260 5.92 9.79 -24.37
CA PHE A 260 7.21 9.73 -23.68
C PHE A 260 8.14 8.81 -24.46
N ASP A 261 9.44 9.05 -24.33
CA ASP A 261 10.44 8.22 -24.99
C ASP A 261 10.57 6.90 -24.25
N TYR A 262 10.57 5.80 -25.00
CA TYR A 262 10.70 4.45 -24.43
C TYR A 262 12.12 4.12 -23.99
N ALA A 263 13.04 5.07 -24.04
CA ALA A 263 14.42 4.85 -23.62
C ALA A 263 14.94 6.14 -23.01
N GLY A 264 16.26 6.24 -22.86
CA GLY A 264 16.86 7.45 -22.34
C GLY A 264 17.76 8.14 -23.35
N ALA A 265 18.48 9.17 -22.90
CA ALA A 265 19.42 9.85 -23.78
C ALA A 265 20.50 8.89 -24.27
N LYS A 266 21.07 8.12 -23.35
CA LYS A 266 22.02 7.04 -23.68
C LYS A 266 23.20 7.54 -24.50
N ASP A 267 23.49 8.83 -24.47
CA ASP A 267 24.61 9.37 -25.23
C ASP A 267 25.93 8.94 -24.60
N PHE A 268 26.96 8.90 -25.45
CA PHE A 268 28.31 8.45 -25.07
C PHE A 268 28.34 6.98 -24.66
N SER A 269 27.34 6.21 -25.06
CA SER A 269 27.28 4.78 -24.74
C SER A 269 26.72 4.03 -25.94
N ARG A 285 4.52 -0.96 -33.96
CA ARG A 285 5.46 -2.02 -34.28
C ARG A 285 6.91 -1.53 -34.29
N ARG A 286 7.76 -2.23 -35.04
CA ARG A 286 9.16 -1.85 -35.13
C ARG A 286 9.33 -0.50 -35.84
N GLN A 287 8.36 -0.07 -36.65
CA GLN A 287 8.44 1.21 -37.33
C GLN A 287 7.79 2.28 -36.46
N CYS A 288 8.52 3.39 -36.27
CA CYS A 288 8.05 4.47 -35.40
C CYS A 288 7.19 5.44 -36.21
N LYS A 289 5.92 5.56 -35.83
CA LYS A 289 4.96 6.39 -36.53
C LYS A 289 4.63 7.66 -35.75
N CYS A 290 5.59 8.22 -35.01
CA CYS A 290 5.34 9.42 -34.24
C CYS A 290 5.51 10.69 -35.07
N GLY A 291 6.20 10.62 -36.21
CA GLY A 291 6.35 11.76 -37.09
C GLY A 291 7.11 12.92 -36.51
N SER A 292 8.25 12.65 -35.89
CA SER A 292 9.08 13.68 -35.29
C SER A 292 10.19 14.10 -36.24
N ALA A 293 10.72 15.31 -36.00
CA ALA A 293 11.84 15.79 -36.81
C ALA A 293 13.10 14.98 -36.54
N ASN A 294 13.23 14.42 -35.34
CA ASN A 294 14.35 13.56 -34.97
C ASN A 294 13.92 12.10 -34.86
N CYS A 295 12.93 11.70 -35.66
CA CYS A 295 12.31 10.39 -35.52
C CYS A 295 13.17 9.33 -36.20
N ARG A 296 13.84 8.50 -35.40
CA ARG A 296 14.40 7.25 -35.91
C ARG A 296 13.27 6.24 -36.04
N GLY A 297 13.22 5.53 -37.17
CA GLY A 297 12.12 4.64 -37.45
C GLY A 297 11.88 3.44 -36.59
N TRP A 298 12.40 3.45 -35.38
CA TRP A 298 12.14 2.37 -34.48
C TRP A 298 12.29 2.80 -33.06
N LEU A 299 11.32 2.47 -32.24
CA LEU A 299 11.41 2.81 -30.84
C LEU A 299 12.35 1.85 -30.16
N PHE A 300 12.50 0.66 -30.72
CA PHE A 300 13.29 -0.36 -30.06
C PHE A 300 13.01 -0.36 -28.58
N GLY A 301 11.73 -0.37 -28.24
CA GLY A 301 11.34 -0.36 -26.84
C GLY A 301 9.89 -0.73 -26.74
N LEU B 5 -8.13 23.78 -1.82
CA LEU B 5 -9.40 24.50 -1.86
C LEU B 5 -9.34 25.77 -1.01
N ASP B 6 -8.84 26.86 -1.59
CA ASP B 6 -8.84 28.15 -0.93
C ASP B 6 -10.14 28.87 -1.29
N SER B 7 -11.22 28.39 -0.69
CA SER B 7 -12.54 28.97 -0.95
C SER B 7 -12.67 30.28 -0.17
N TYR B 8 -11.91 31.30 -0.57
CA TYR B 8 -12.08 32.63 -0.01
C TYR B 8 -13.46 33.20 -0.34
N THR B 9 -14.14 32.63 -1.33
CA THR B 9 -15.50 33.01 -1.70
C THR B 9 -16.46 31.94 -1.21
N HIS B 10 -17.59 32.39 -0.66
CA HIS B 10 -18.58 31.47 -0.10
C HIS B 10 -19.07 30.48 -1.16
N LEU B 11 -19.09 29.20 -0.80
CA LEU B 11 -19.69 28.17 -1.63
C LEU B 11 -21.11 27.93 -1.16
N SER B 12 -22.06 28.04 -2.10
CA SER B 12 -23.46 27.89 -1.76
C SER B 12 -23.78 26.42 -1.46
N PHE B 13 -25.04 26.17 -1.07
CA PHE B 13 -25.49 24.81 -0.82
C PHE B 13 -25.32 23.94 -2.06
N TYR B 14 -25.75 24.45 -3.22
CA TYR B 14 -25.65 23.69 -4.46
C TYR B 14 -24.20 23.39 -4.81
N GLU B 15 -23.31 24.38 -4.67
CA GLU B 15 -21.91 24.19 -5.04
C GLU B 15 -21.21 23.22 -4.10
N LYS B 16 -21.50 23.31 -2.80
CA LYS B 16 -20.93 22.36 -1.84
C LYS B 16 -21.39 20.94 -2.16
N ARG B 17 -22.70 20.78 -2.42
CA ARG B 17 -23.20 19.46 -2.76
C ARG B 17 -22.55 18.92 -4.03
N GLU B 18 -22.37 19.78 -5.03
CA GLU B 18 -21.76 19.32 -6.28
C GLU B 18 -20.29 18.96 -6.10
N LEU B 19 -19.55 19.73 -5.28
CA LEU B 19 -18.17 19.37 -5.00
C LEU B 19 -18.08 18.02 -4.29
N PHE B 20 -18.97 17.78 -3.33
CA PHE B 20 -18.95 16.48 -2.66
C PHE B 20 -19.34 15.36 -3.61
N ARG B 21 -20.30 15.61 -4.50
CA ARG B 21 -20.67 14.59 -5.49
C ARG B 21 -19.51 14.30 -6.44
N LYS B 22 -18.76 15.33 -6.83
CA LYS B 22 -17.59 15.11 -7.66
C LYS B 22 -16.56 14.27 -6.93
N LYS B 23 -16.36 14.53 -5.63
CA LYS B 23 -15.47 13.69 -4.85
C LYS B 23 -15.94 12.25 -4.83
N LEU B 24 -17.25 12.03 -4.62
CA LEU B 24 -17.78 10.67 -4.61
C LEU B 24 -17.57 9.98 -5.95
N ARG B 25 -17.76 10.70 -7.06
CA ARG B 25 -17.52 10.12 -8.37
C ARG B 25 -16.07 9.75 -8.60
N GLU B 26 -15.14 10.37 -7.88
CA GLU B 26 -13.72 10.08 -8.02
C GLU B 26 -13.22 8.99 -7.08
N ILE B 27 -14.08 8.46 -6.22
CA ILE B 27 -13.70 7.34 -5.38
C ILE B 27 -13.48 6.11 -6.26
N GLU B 28 -12.42 5.38 -5.97
CA GLU B 28 -12.13 4.13 -6.67
C GLU B 28 -13.23 3.11 -6.41
N GLY B 29 -13.61 2.38 -7.45
CA GLY B 29 -14.61 1.34 -7.33
C GLY B 29 -15.94 1.74 -7.88
N PRO B 30 -16.99 0.98 -7.53
CA PRO B 30 -18.34 1.32 -8.00
C PRO B 30 -18.82 2.64 -7.44
N GLU B 31 -19.88 3.17 -8.05
CA GLU B 31 -20.31 4.52 -7.77
C GLU B 31 -20.80 4.65 -6.33
N VAL B 32 -20.61 5.84 -5.77
CA VAL B 32 -21.13 6.22 -4.46
C VAL B 32 -21.95 7.49 -4.63
N THR B 33 -23.18 7.47 -4.16
CA THR B 33 -24.12 8.56 -4.38
C THR B 33 -24.46 9.25 -3.05
N LEU B 34 -25.01 10.45 -3.17
CA LEU B 34 -25.32 11.30 -2.02
C LEU B 34 -26.78 11.68 -2.03
N VAL B 35 -27.47 11.45 -0.91
CA VAL B 35 -28.89 11.73 -0.78
C VAL B 35 -29.14 12.40 0.57
N ASN B 36 -29.98 13.42 0.58
CA ASN B 36 -30.38 14.10 1.82
C ASN B 36 -31.87 14.41 1.70
N GLU B 37 -32.70 13.55 2.27
CA GLU B 37 -34.14 13.73 2.32
C GLU B 37 -34.59 14.09 3.74
N VAL B 38 -33.77 14.84 4.46
CA VAL B 38 -34.06 15.18 5.85
C VAL B 38 -34.05 16.69 6.06
N ASP B 39 -32.95 17.34 5.69
CA ASP B 39 -32.73 18.74 6.01
C ASP B 39 -32.00 19.40 4.84
N ASP B 40 -31.51 20.61 5.08
CA ASP B 40 -30.85 21.43 4.08
C ASP B 40 -29.34 21.34 4.12
N GLU B 41 -28.79 20.39 4.87
CA GLU B 41 -27.34 20.24 4.93
C GLU B 41 -26.83 19.75 3.58
N PRO B 42 -25.95 20.49 2.91
CA PRO B 42 -25.59 20.13 1.52
C PRO B 42 -24.93 18.76 1.43
N CYS B 43 -24.01 18.45 2.34
CA CYS B 43 -23.19 17.25 2.24
C CYS B 43 -22.37 17.09 3.51
N PRO B 44 -21.70 15.96 3.70
CA PRO B 44 -20.68 15.88 4.75
C PRO B 44 -19.55 16.86 4.50
N SER B 45 -18.65 16.94 5.48
CA SER B 45 -17.58 17.94 5.44
C SER B 45 -16.73 17.80 4.19
N LEU B 46 -16.44 18.95 3.56
CA LEU B 46 -15.59 18.98 2.38
C LEU B 46 -14.11 18.89 2.73
N ASP B 47 -13.73 19.18 3.97
CA ASP B 47 -12.34 19.03 4.42
C ASP B 47 -12.07 17.55 4.68
N PHE B 48 -12.07 16.80 3.58
CA PHE B 48 -11.91 15.36 3.64
C PHE B 48 -11.40 14.88 2.28
N GLN B 49 -10.62 13.80 2.30
CA GLN B 49 -10.16 13.15 1.09
C GLN B 49 -10.33 11.65 1.25
N PHE B 50 -11.05 11.03 0.33
CA PHE B 50 -11.14 9.58 0.31
C PHE B 50 -9.81 8.99 -0.11
N ILE B 51 -9.42 7.91 0.56
CA ILE B 51 -8.18 7.21 0.25
C ILE B 51 -8.50 5.76 -0.04
N SER B 52 -7.75 5.16 -0.96
CA SER B 52 -7.98 3.78 -1.36
C SER B 52 -7.17 2.79 -0.55
N GLN B 53 -6.41 3.25 0.45
CA GLN B 53 -5.63 2.36 1.30
C GLN B 53 -5.18 3.13 2.54
N TYR B 54 -4.59 2.40 3.47
CA TYR B 54 -4.11 3.00 4.71
C TYR B 54 -3.04 4.04 4.44
N ARG B 55 -3.09 5.14 5.19
CA ARG B 55 -2.04 6.15 5.22
C ARG B 55 -1.37 6.09 6.58
N LEU B 56 -0.14 5.58 6.62
CA LEU B 56 0.57 5.44 7.88
C LEU B 56 1.21 6.76 8.29
N THR B 57 1.33 6.97 9.59
CA THR B 57 1.88 8.19 10.15
C THR B 57 3.18 7.89 10.89
N GLN B 58 3.83 8.96 11.34
CA GLN B 58 5.09 8.83 12.06
C GLN B 58 4.89 8.11 13.39
N GLY B 59 5.81 7.20 13.70
CA GLY B 59 5.75 6.40 14.91
C GLY B 59 5.13 5.03 14.71
N VAL B 60 4.40 4.82 13.62
CA VAL B 60 3.76 3.54 13.34
C VAL B 60 4.69 2.71 12.48
N ILE B 61 5.13 1.57 13.00
CA ILE B 61 5.98 0.68 12.22
C ILE B 61 5.10 -0.09 11.26
N PRO B 62 5.35 -0.02 9.96
CA PRO B 62 4.51 -0.72 8.98
C PRO B 62 4.83 -2.20 8.96
N PRO B 63 3.95 -3.03 8.37
CA PRO B 63 4.22 -4.47 8.31
C PRO B 63 5.53 -4.76 7.59
N ASP B 64 6.35 -5.60 8.21
CA ASP B 64 7.64 -5.97 7.65
C ASP B 64 7.46 -7.15 6.70
N PRO B 65 7.78 -7.01 5.42
CA PRO B 65 7.56 -8.13 4.48
C PRO B 65 8.42 -9.35 4.78
N ASN B 66 9.50 -9.20 5.53
CA ASN B 66 10.35 -10.35 5.85
C ASN B 66 9.64 -11.37 6.73
N PHE B 67 8.62 -10.96 7.47
CA PHE B 67 7.84 -11.86 8.29
C PHE B 67 6.61 -12.40 7.57
N GLN B 68 6.54 -12.22 6.25
CA GLN B 68 5.40 -12.63 5.45
C GLN B 68 5.80 -13.81 4.58
N SER B 69 4.91 -14.81 4.50
CA SER B 69 5.16 -16.01 3.71
C SER B 69 3.95 -16.28 2.83
N GLY B 70 4.20 -16.50 1.54
CA GLY B 70 3.14 -16.83 0.60
C GLY B 70 2.87 -18.33 0.56
N CYS B 71 1.89 -18.68 -0.26
CA CYS B 71 1.51 -20.07 -0.46
C CYS B 71 1.85 -20.49 -1.89
N ASN B 72 1.85 -21.80 -2.11
CA ASN B 72 2.23 -22.34 -3.42
C ASN B 72 1.10 -23.16 -4.03
N CYS B 73 -0.11 -22.62 -3.97
CA CYS B 73 -1.29 -23.32 -4.46
C CYS B 73 -1.48 -23.20 -5.97
N SER B 74 -0.58 -22.52 -6.68
CA SER B 74 -0.67 -22.46 -8.13
C SER B 74 -0.62 -23.84 -8.75
N SER B 75 0.08 -24.78 -8.10
CA SER B 75 0.12 -26.15 -8.60
C SER B 75 -1.21 -26.86 -8.43
N LEU B 76 -2.01 -26.44 -7.46
CA LEU B 76 -3.37 -26.98 -7.32
C LEU B 76 -4.33 -26.38 -8.34
N GLY B 77 -3.96 -25.29 -9.00
CA GLY B 77 -4.84 -24.58 -9.87
C GLY B 77 -5.33 -23.23 -9.35
N GLY B 78 -4.65 -22.64 -8.38
CA GLY B 78 -5.04 -21.35 -7.84
C GLY B 78 -5.88 -21.39 -6.57
N CYS B 79 -5.33 -21.98 -5.50
CA CYS B 79 -5.93 -21.90 -4.16
C CYS B 79 -7.35 -22.49 -4.14
N ASP B 80 -7.43 -23.80 -4.34
CA ASP B 80 -8.72 -24.49 -4.25
C ASP B 80 -9.32 -24.36 -2.85
N LEU B 81 -10.62 -24.06 -2.81
CA LEU B 81 -11.34 -23.94 -1.55
C LEU B 81 -11.74 -25.29 -0.96
N ASN B 82 -11.83 -26.34 -1.80
CA ASN B 82 -12.08 -27.69 -1.30
C ASN B 82 -10.84 -28.33 -0.71
N ASN B 83 -9.68 -27.70 -0.86
CA ASN B 83 -8.41 -28.21 -0.33
C ASN B 83 -7.73 -27.08 0.44
N PRO B 84 -8.29 -26.69 1.58
CA PRO B 84 -7.72 -25.56 2.33
C PRO B 84 -6.48 -25.95 3.13
N SER B 85 -6.39 -27.24 3.49
CA SER B 85 -5.25 -27.72 4.25
C SER B 85 -3.94 -27.63 3.47
N ARG B 86 -4.02 -27.52 2.13
CA ARG B 86 -2.83 -27.38 1.30
C ARG B 86 -2.34 -25.95 1.20
N CYS B 87 -3.11 -24.98 1.71
CA CYS B 87 -2.74 -23.57 1.62
C CYS B 87 -1.89 -23.18 2.83
N GLU B 88 -0.71 -22.60 2.56
CA GLU B 88 0.14 -22.15 3.65
C GLU B 88 -0.49 -20.99 4.42
N CYS B 89 -1.27 -20.15 3.74
CA CYS B 89 -1.86 -18.99 4.38
C CYS B 89 -2.81 -19.36 5.52
N LEU B 90 -3.24 -20.62 5.56
CA LEU B 90 -4.13 -21.11 6.62
C LEU B 90 -3.37 -21.85 7.71
N ASP B 91 -2.04 -21.67 7.78
CA ASP B 91 -1.23 -22.36 8.77
C ASP B 91 -1.64 -21.96 10.19
N ASP B 92 -1.77 -20.66 10.44
CA ASP B 92 -2.11 -20.16 11.76
C ASP B 92 -3.59 -20.28 12.09
N LEU B 93 -4.36 -20.97 11.26
CA LEU B 93 -5.78 -21.15 11.50
C LEU B 93 -6.00 -22.32 12.46
N ASP B 94 -7.24 -22.75 12.59
CA ASP B 94 -7.57 -23.86 13.48
C ASP B 94 -7.15 -25.18 12.84
N GLU B 95 -7.43 -26.28 13.54
CA GLU B 95 -7.14 -27.62 13.02
C GLU B 95 -8.16 -28.02 11.96
N PRO B 96 -9.47 -27.74 12.16
CA PRO B 96 -10.40 -27.83 11.03
C PRO B 96 -10.20 -26.65 10.07
N THR B 97 -9.12 -26.71 9.28
CA THR B 97 -8.77 -25.59 8.42
C THR B 97 -9.81 -25.42 7.30
N HIS B 98 -10.17 -24.18 7.03
CA HIS B 98 -11.05 -23.83 5.94
C HIS B 98 -10.89 -22.37 5.61
N PHE B 99 -10.99 -22.03 4.32
CA PHE B 99 -10.92 -20.65 3.92
C PHE B 99 -12.08 -19.86 4.51
N ALA B 100 -11.88 -18.55 4.65
CA ALA B 100 -12.92 -17.69 5.20
C ALA B 100 -14.15 -17.65 4.29
N TYR B 101 -13.93 -17.66 2.98
CA TYR B 101 -14.99 -17.40 2.02
C TYR B 101 -15.56 -18.69 1.44
N ASP B 102 -16.76 -18.58 0.88
CA ASP B 102 -17.40 -19.70 0.21
C ASP B 102 -17.10 -19.62 -1.29
N ALA B 103 -17.77 -20.48 -2.07
CA ALA B 103 -17.55 -20.49 -3.51
C ALA B 103 -17.98 -19.18 -4.17
N GLN B 104 -19.04 -18.55 -3.68
CA GLN B 104 -19.56 -17.32 -4.27
C GLN B 104 -18.90 -16.07 -3.71
N GLY B 105 -17.90 -16.21 -2.84
CA GLY B 105 -17.13 -15.09 -2.38
C GLY B 105 -17.56 -14.47 -1.06
N ARG B 106 -18.55 -15.04 -0.40
CA ARG B 106 -19.05 -14.51 0.87
C ARG B 106 -18.37 -15.23 2.04
N VAL B 107 -18.12 -14.50 3.13
CA VAL B 107 -17.48 -15.10 4.29
C VAL B 107 -18.44 -16.09 4.92
N ARG B 108 -17.90 -17.24 5.33
CA ARG B 108 -18.73 -18.31 5.88
C ARG B 108 -19.22 -17.95 7.28
N ALA B 109 -20.34 -18.55 7.67
CA ALA B 109 -20.94 -18.25 8.96
C ALA B 109 -20.04 -18.67 10.12
N ASP B 110 -19.31 -19.78 9.96
CA ASP B 110 -18.44 -20.30 11.01
C ASP B 110 -17.02 -19.76 10.92
N THR B 111 -16.75 -18.83 10.02
CA THR B 111 -15.42 -18.26 9.91
C THR B 111 -15.10 -17.42 11.14
N GLY B 112 -13.87 -17.58 11.64
CA GLY B 112 -13.43 -16.83 12.79
C GLY B 112 -13.30 -15.34 12.49
N ALA B 113 -12.98 -14.59 13.55
CA ALA B 113 -12.85 -13.14 13.41
C ALA B 113 -11.67 -12.74 12.54
N VAL B 114 -10.72 -13.64 12.32
CA VAL B 114 -9.50 -13.33 11.58
C VAL B 114 -9.58 -14.01 10.22
N ILE B 115 -9.31 -13.24 9.17
CA ILE B 115 -9.31 -13.72 7.79
C ILE B 115 -7.89 -13.60 7.27
N TYR B 116 -7.22 -14.74 7.10
CA TYR B 116 -5.88 -14.77 6.53
C TYR B 116 -6.03 -14.81 5.01
N GLU B 117 -5.49 -13.82 4.35
CA GLU B 117 -5.64 -13.75 2.93
C GLU B 117 -4.32 -13.89 2.25
N CYS B 118 -4.36 -14.16 0.97
CA CYS B 118 -3.13 -14.30 0.22
C CYS B 118 -2.47 -12.93 0.06
N ASN B 119 -1.18 -12.96 -0.29
CA ASN B 119 -0.37 -11.74 -0.29
C ASN B 119 0.49 -11.76 -1.55
N SER B 120 1.42 -10.81 -1.62
CA SER B 120 2.28 -10.66 -2.79
C SER B 120 3.16 -11.89 -3.01
N PHE B 121 3.52 -12.60 -1.94
CA PHE B 121 4.44 -13.72 -2.04
C PHE B 121 3.78 -15.01 -2.50
N CYS B 122 2.45 -15.05 -2.63
CA CYS B 122 1.78 -16.24 -3.08
C CYS B 122 1.93 -16.43 -4.59
N SER B 123 1.66 -17.64 -5.05
CA SER B 123 1.80 -18.00 -6.46
C SER B 123 0.47 -17.96 -7.20
N CYS B 124 -0.59 -17.44 -6.57
CA CYS B 124 -1.89 -17.37 -7.20
C CYS B 124 -2.09 -16.00 -7.86
N SER B 125 -3.23 -15.84 -8.53
CA SER B 125 -3.57 -14.60 -9.21
C SER B 125 -4.42 -13.72 -8.29
N MET B 126 -4.70 -12.50 -8.76
CA MET B 126 -5.65 -11.65 -8.08
C MET B 126 -7.06 -12.22 -8.08
N GLU B 127 -7.35 -13.13 -9.00
CA GLU B 127 -8.63 -13.83 -9.03
C GLU B 127 -8.70 -14.98 -8.03
N CYS B 128 -7.69 -15.13 -7.19
CA CYS B 128 -7.73 -16.11 -6.12
C CYS B 128 -8.93 -15.84 -5.22
N PRO B 129 -9.73 -16.87 -4.90
CA PRO B 129 -10.94 -16.62 -4.10
C PRO B 129 -10.65 -16.24 -2.67
N ASN B 130 -9.38 -16.28 -2.23
CA ASN B 130 -8.97 -15.83 -0.91
C ASN B 130 -8.44 -14.40 -0.95
N ARG B 131 -8.64 -13.68 -2.04
CA ARG B 131 -8.26 -12.28 -2.16
C ARG B 131 -9.49 -11.38 -2.31
N VAL B 132 -10.55 -11.70 -1.57
CA VAL B 132 -11.81 -10.97 -1.69
C VAL B 132 -11.64 -9.51 -1.26
N VAL B 133 -10.98 -9.31 -0.10
CA VAL B 133 -10.84 -7.97 0.44
C VAL B 133 -9.95 -7.10 -0.46
N GLN B 134 -8.89 -7.69 -1.01
CA GLN B 134 -8.00 -6.94 -1.89
C GLN B 134 -8.70 -6.47 -3.16
N ARG B 135 -9.75 -7.18 -3.60
CA ARG B 135 -10.47 -6.76 -4.79
C ARG B 135 -11.34 -5.53 -4.55
N GLY B 136 -11.65 -5.23 -3.29
CA GLY B 136 -12.27 -3.97 -2.96
C GLY B 136 -13.78 -3.99 -2.97
N ARG B 137 -14.34 -2.79 -2.80
CA ARG B 137 -15.78 -2.61 -2.75
C ARG B 137 -16.41 -3.10 -4.04
N THR B 138 -17.57 -3.76 -3.91
CA THR B 138 -18.28 -4.30 -5.06
C THR B 138 -19.71 -3.81 -5.18
N LEU B 139 -20.33 -3.31 -4.09
CA LEU B 139 -21.69 -2.83 -4.12
C LEU B 139 -21.72 -1.33 -4.37
N PRO B 140 -22.80 -0.81 -4.97
CA PRO B 140 -22.97 0.64 -5.07
C PRO B 140 -23.58 1.18 -3.79
N LEU B 141 -22.82 1.99 -3.06
CA LEU B 141 -23.23 2.48 -1.76
C LEU B 141 -23.74 3.91 -1.89
N GLU B 142 -24.75 4.25 -1.10
CA GLU B 142 -25.37 5.56 -1.10
C GLU B 142 -25.21 6.18 0.27
N ILE B 143 -24.60 7.35 0.32
CA ILE B 143 -24.51 8.15 1.54
C ILE B 143 -25.81 8.94 1.67
N PHE B 144 -26.57 8.66 2.72
CA PHE B 144 -27.81 9.37 2.95
C PHE B 144 -27.77 10.03 4.31
N LYS B 145 -28.76 10.89 4.57
CA LYS B 145 -28.87 11.62 5.82
C LYS B 145 -29.90 10.92 6.70
N THR B 146 -29.47 10.45 7.87
CA THR B 146 -30.37 9.80 8.79
C THR B 146 -31.19 10.84 9.55
N LYS B 147 -32.28 10.36 10.15
CA LYS B 147 -33.21 11.26 10.85
C LYS B 147 -32.59 11.81 12.13
N GLU B 148 -32.07 10.93 12.99
CA GLU B 148 -31.54 11.31 14.30
C GLU B 148 -30.03 11.34 14.35
N LYS B 149 -29.36 10.40 13.68
CA LYS B 149 -27.91 10.36 13.62
C LYS B 149 -27.44 11.35 12.57
N GLY B 150 -26.16 11.31 12.22
CA GLY B 150 -25.66 12.15 11.15
C GLY B 150 -25.88 11.55 9.78
N TRP B 151 -24.80 11.32 9.04
CA TRP B 151 -24.88 10.66 7.76
C TRP B 151 -24.68 9.16 7.93
N GLY B 152 -25.46 8.37 7.18
CA GLY B 152 -25.30 6.93 7.13
C GLY B 152 -25.08 6.47 5.71
N VAL B 153 -24.87 5.17 5.57
CA VAL B 153 -24.66 4.53 4.27
C VAL B 153 -25.66 3.39 4.13
N ARG B 154 -26.19 3.23 2.93
CA ARG B 154 -27.04 2.09 2.59
C ARG B 154 -26.57 1.50 1.27
N SER B 155 -27.07 0.30 0.97
CA SER B 155 -26.73 -0.39 -0.26
C SER B 155 -27.89 -0.28 -1.24
N LEU B 156 -27.57 0.03 -2.50
CA LEU B 156 -28.59 0.05 -3.55
C LEU B 156 -28.92 -1.35 -4.06
N ARG B 157 -28.10 -2.34 -3.75
CA ARG B 157 -28.34 -3.72 -4.16
C ARG B 157 -28.45 -4.58 -2.91
N PHE B 158 -28.93 -5.80 -3.12
CA PHE B 158 -29.07 -6.74 -2.03
C PHE B 158 -27.70 -7.20 -1.55
N ALA B 159 -27.50 -7.18 -0.23
CA ALA B 159 -26.26 -7.64 0.38
C ALA B 159 -26.55 -8.90 1.19
N PRO B 160 -26.35 -10.09 0.62
CA PRO B 160 -26.58 -11.33 1.37
C PRO B 160 -25.60 -11.47 2.54
N ALA B 161 -26.00 -12.28 3.52
CA ALA B 161 -25.15 -12.52 4.67
C ALA B 161 -23.81 -13.05 4.24
N GLY B 162 -22.73 -12.37 4.67
CA GLY B 162 -21.39 -12.72 4.30
C GLY B 162 -20.78 -11.86 3.20
N THR B 163 -21.56 -10.95 2.60
CA THR B 163 -21.05 -10.10 1.55
C THR B 163 -20.05 -9.09 2.10
N PHE B 164 -18.99 -8.84 1.34
CA PHE B 164 -17.99 -7.84 1.71
C PHE B 164 -18.45 -6.47 1.25
N ILE B 165 -18.45 -5.49 2.17
CA ILE B 165 -18.95 -4.16 1.87
C ILE B 165 -17.79 -3.24 1.47
N THR B 166 -16.88 -3.01 2.41
CA THR B 166 -15.72 -2.14 2.21
C THR B 166 -14.85 -2.25 3.44
N CYS B 167 -13.72 -1.55 3.43
CA CYS B 167 -12.78 -1.52 4.53
C CYS B 167 -12.88 -0.20 5.28
N TYR B 168 -12.54 -0.23 6.57
CA TYR B 168 -12.39 0.99 7.35
C TYR B 168 -10.96 1.50 7.15
N LEU B 169 -10.82 2.58 6.40
CA LEU B 169 -9.53 3.15 6.07
C LEU B 169 -9.37 4.51 6.73
N GLY B 170 -8.14 4.99 6.73
CA GLY B 170 -7.81 6.27 7.34
C GLY B 170 -6.34 6.30 7.68
N GLU B 171 -5.99 7.30 8.49
CA GLU B 171 -4.63 7.41 8.99
C GLU B 171 -4.39 6.40 10.10
N VAL B 172 -3.35 5.59 9.96
CA VAL B 172 -2.92 4.71 11.04
C VAL B 172 -1.96 5.49 11.93
N ILE B 173 -2.32 5.62 13.21
CA ILE B 173 -1.60 6.48 14.14
C ILE B 173 -1.32 5.71 15.43
N THR B 174 -0.30 6.17 16.15
CA THR B 174 0.07 5.58 17.42
C THR B 174 -0.98 5.89 18.49
N SER B 175 -0.84 5.23 19.64
CA SER B 175 -1.70 5.57 20.77
C SER B 175 -1.37 6.97 21.30
N ALA B 176 -0.11 7.39 21.18
CA ALA B 176 0.27 8.73 21.62
C ALA B 176 -0.37 9.79 20.74
N GLU B 177 -0.31 9.61 19.41
CA GLU B 177 -0.98 10.56 18.52
C GLU B 177 -2.49 10.53 18.71
N ALA B 178 -3.05 9.33 18.91
CA ALA B 178 -4.48 9.23 19.18
C ALA B 178 -4.86 9.92 20.49
N ALA B 179 -3.93 9.99 21.44
CA ALA B 179 -4.16 10.74 22.66
C ALA B 179 -4.01 12.25 22.46
N LYS B 180 -3.07 12.67 21.60
CA LYS B 180 -3.00 14.08 21.22
C LYS B 180 -4.23 14.47 20.40
N ARG B 181 -4.76 13.53 19.62
CA ARG B 181 -6.11 13.61 19.08
C ARG B 181 -7.06 13.18 20.19
N ASP B 182 -8.29 12.82 19.86
CA ASP B 182 -9.34 12.43 20.80
C ASP B 182 -9.89 13.68 21.48
N LYS B 183 -9.50 14.87 21.00
CA LYS B 183 -10.26 16.08 21.29
C LYS B 183 -11.65 15.98 20.70
N ASN B 184 -11.88 15.03 19.80
CA ASN B 184 -13.18 14.76 19.19
C ASN B 184 -14.17 14.25 20.24
N TYR B 185 -13.70 14.07 21.48
CA TYR B 185 -14.61 13.82 22.59
C TYR B 185 -15.60 14.95 22.77
N ASP B 186 -15.29 16.16 22.29
CA ASP B 186 -16.23 17.27 22.27
C ASP B 186 -16.29 17.95 20.92
N GLY B 189 -19.27 15.68 19.62
CA GLY B 189 -19.50 14.32 20.04
C GLY B 189 -19.38 13.27 18.95
N ILE B 190 -18.61 13.52 17.91
CA ILE B 190 -18.37 12.54 16.86
C ILE B 190 -16.89 12.17 16.85
N THR B 191 -16.62 10.91 16.53
CA THR B 191 -15.26 10.42 16.46
C THR B 191 -15.14 9.43 15.31
N TYR B 192 -13.94 9.35 14.73
CA TYR B 192 -13.64 8.41 13.65
C TYR B 192 -12.44 7.54 14.02
N LEU B 193 -12.36 7.23 15.29
CA LEU B 193 -11.24 6.47 15.76
C LEU B 193 -11.65 5.04 15.94
N PHE B 194 -10.93 4.16 15.29
CA PHE B 194 -11.20 2.74 15.32
C PHE B 194 -9.92 2.06 15.81
N ASP B 195 -9.93 1.54 17.03
CA ASP B 195 -8.75 0.90 17.56
C ASP B 195 -8.48 -0.43 16.85
N LEU B 196 -7.25 -0.59 16.35
CA LEU B 196 -6.81 -1.87 15.81
C LEU B 196 -6.48 -2.76 17.00
N ASP B 197 -7.54 -3.34 17.58
CA ASP B 197 -7.45 -4.07 18.83
C ASP B 197 -7.97 -5.50 18.71
N MET B 198 -7.88 -6.09 17.52
CA MET B 198 -8.32 -7.48 17.35
C MET B 198 -7.51 -8.43 18.22
N PHE B 199 -6.23 -8.14 18.43
CA PHE B 199 -5.35 -8.97 19.22
C PHE B 199 -4.82 -8.15 20.39
N ASP B 200 -5.12 -8.57 21.60
CA ASP B 200 -4.61 -7.87 22.77
C ASP B 200 -3.10 -7.94 22.88
N ASP B 201 -2.46 -8.91 22.21
CA ASP B 201 -1.01 -8.96 22.15
C ASP B 201 -0.42 -7.91 21.21
N ALA B 202 -1.23 -7.36 20.30
CA ALA B 202 -0.75 -6.41 19.31
C ALA B 202 -1.72 -5.24 19.17
N SER B 203 -2.20 -4.71 20.30
CA SER B 203 -3.13 -3.58 20.31
C SER B 203 -2.30 -2.31 20.52
N GLU B 204 -1.83 -1.73 19.42
CA GLU B 204 -0.94 -0.57 19.46
C GLU B 204 -1.49 0.63 18.70
N TYR B 205 -2.08 0.43 17.53
CA TYR B 205 -2.39 1.53 16.63
C TYR B 205 -3.89 1.76 16.55
N THR B 206 -4.25 2.87 15.90
CA THR B 206 -5.64 3.27 15.75
C THR B 206 -5.82 3.91 14.38
N VAL B 207 -6.95 3.65 13.74
CA VAL B 207 -7.29 4.23 12.45
C VAL B 207 -8.17 5.45 12.70
N ASP B 208 -7.70 6.62 12.28
CA ASP B 208 -8.47 7.85 12.35
C ASP B 208 -8.99 8.17 10.96
N ALA B 209 -10.31 8.15 10.81
CA ALA B 209 -10.97 8.46 9.56
C ALA B 209 -11.52 9.88 9.52
N GLN B 210 -10.99 10.77 10.37
CA GLN B 210 -11.48 12.14 10.41
C GLN B 210 -11.11 12.90 9.15
N ASN B 211 -9.81 13.02 8.87
CA ASN B 211 -9.35 13.79 7.71
C ASN B 211 -9.25 12.95 6.45
N TYR B 212 -8.87 11.69 6.57
CA TYR B 212 -8.74 10.77 5.44
C TYR B 212 -9.44 9.47 5.79
N GLY B 213 -10.06 8.84 4.80
CA GLY B 213 -10.72 7.58 5.07
C GLY B 213 -11.51 7.07 3.88
N ASP B 214 -12.61 6.40 4.17
CA ASP B 214 -13.39 5.65 3.20
C ASP B 214 -14.86 5.80 3.54
N VAL B 215 -15.72 5.42 2.60
CA VAL B 215 -17.18 5.45 2.73
C VAL B 215 -17.59 4.83 4.06
N SER B 216 -16.84 3.82 4.50
CA SER B 216 -17.14 3.14 5.76
C SER B 216 -17.13 4.07 6.95
N ARG B 217 -16.46 5.23 6.84
CA ARG B 217 -16.45 6.19 7.95
C ARG B 217 -17.82 6.82 8.18
N PHE B 218 -18.78 6.63 7.27
CA PHE B 218 -20.13 7.12 7.46
C PHE B 218 -21.06 6.07 8.03
N PHE B 219 -20.57 4.88 8.35
CA PHE B 219 -21.40 3.87 8.99
C PHE B 219 -21.78 4.30 10.39
N ASN B 220 -23.03 4.05 10.76
CA ASN B 220 -23.54 4.38 12.08
C ASN B 220 -23.59 3.13 12.96
N HIS B 221 -23.71 3.36 14.27
CA HIS B 221 -23.75 2.28 15.24
C HIS B 221 -25.18 1.79 15.43
N SER B 222 -25.32 0.49 15.68
CA SER B 222 -26.60 -0.09 16.03
C SER B 222 -26.37 -1.24 17.00
N CYS B 223 -27.20 -1.29 18.04
CA CYS B 223 -27.20 -2.42 18.95
C CYS B 223 -27.73 -3.69 18.30
N SER B 224 -28.32 -3.58 17.12
CA SER B 224 -28.69 -4.72 16.28
C SER B 224 -28.06 -4.53 14.92
N PRO B 225 -26.75 -4.74 14.80
CA PRO B 225 -26.06 -4.46 13.54
C PRO B 225 -26.42 -5.46 12.45
N ASN B 226 -26.19 -5.04 11.21
CA ASN B 226 -26.30 -5.92 10.05
C ASN B 226 -24.97 -6.20 9.40
N ILE B 227 -23.91 -5.48 9.78
CA ILE B 227 -22.55 -5.76 9.32
C ILE B 227 -21.65 -5.80 10.55
N ALA B 228 -20.51 -6.45 10.38
CA ALA B 228 -19.53 -6.56 11.46
C ALA B 228 -18.13 -6.46 10.90
N ILE B 229 -17.17 -6.43 11.81
CA ILE B 229 -15.76 -6.21 11.51
C ILE B 229 -15.04 -7.55 11.47
N TYR B 230 -14.19 -7.70 10.48
CA TYR B 230 -13.23 -8.79 10.39
C TYR B 230 -11.85 -8.20 10.20
N SER B 231 -10.84 -8.93 10.68
CA SER B 231 -9.46 -8.54 10.51
C SER B 231 -8.92 -9.29 9.29
N ALA B 232 -8.75 -8.58 8.18
CA ALA B 232 -8.18 -9.16 6.97
C ALA B 232 -6.68 -8.94 7.00
N VAL B 233 -5.93 -10.04 7.11
CA VAL B 233 -4.49 -10.00 7.30
C VAL B 233 -3.82 -10.62 6.09
N ARG B 234 -2.92 -9.86 5.45
CA ARG B 234 -2.09 -10.37 4.37
C ARG B 234 -0.71 -10.79 4.85
N ASN B 235 -0.09 -10.02 5.74
CA ASN B 235 1.16 -10.39 6.38
C ASN B 235 0.80 -11.15 7.65
N HIS B 236 0.77 -12.48 7.56
CA HIS B 236 0.32 -13.30 8.67
C HIS B 236 1.23 -13.21 9.89
N GLY B 237 2.48 -12.78 9.71
CA GLY B 237 3.36 -12.59 10.84
C GLY B 237 3.12 -11.31 11.61
N PHE B 238 2.41 -10.36 11.02
CA PHE B 238 2.13 -9.08 11.65
C PHE B 238 0.69 -9.03 12.14
N ARG B 239 0.49 -8.38 13.26
CA ARG B 239 -0.85 -8.25 13.83
C ARG B 239 -1.08 -6.86 14.45
N THR B 240 -0.17 -5.92 14.24
CA THR B 240 -0.39 -4.54 14.66
C THR B 240 -1.12 -3.73 13.60
N ILE B 241 -0.99 -4.10 12.33
CA ILE B 241 -1.64 -3.43 11.21
C ILE B 241 -2.33 -4.48 10.37
N TYR B 242 -3.62 -4.26 10.08
CA TYR B 242 -4.41 -5.17 9.27
C TYR B 242 -5.62 -4.43 8.76
N ASP B 243 -6.24 -4.98 7.72
CA ASP B 243 -7.44 -4.38 7.16
C ASP B 243 -8.64 -4.62 8.08
N LEU B 244 -9.43 -3.58 8.28
CA LEU B 244 -10.66 -3.67 9.06
C LEU B 244 -11.82 -3.85 8.09
N ALA B 245 -11.95 -5.08 7.59
CA ALA B 245 -12.94 -5.38 6.56
C ALA B 245 -14.34 -5.45 7.17
N PHE B 246 -15.33 -5.02 6.39
CA PHE B 246 -16.73 -5.10 6.80
C PHE B 246 -17.40 -6.24 6.05
N PHE B 247 -18.17 -7.05 6.78
CA PHE B 247 -18.92 -8.14 6.19
C PHE B 247 -20.34 -8.13 6.74
N ALA B 248 -21.31 -8.28 5.84
CA ALA B 248 -22.71 -8.30 6.26
C ALA B 248 -22.99 -9.56 7.06
N ILE B 249 -23.57 -9.38 8.24
CA ILE B 249 -23.87 -10.50 9.13
C ILE B 249 -25.26 -11.05 8.93
N LYS B 250 -26.14 -10.28 8.27
CA LYS B 250 -27.45 -10.76 7.88
C LYS B 250 -27.81 -10.10 6.56
N ASP B 251 -28.76 -10.71 5.84
CA ASP B 251 -29.17 -10.18 4.55
C ASP B 251 -29.69 -8.76 4.71
N ILE B 252 -29.23 -7.87 3.83
CA ILE B 252 -29.54 -6.45 3.92
C ILE B 252 -30.38 -6.07 2.72
N GLN B 253 -31.61 -5.64 2.98
CA GLN B 253 -32.51 -5.21 1.93
C GLN B 253 -32.01 -3.90 1.32
N PRO B 254 -32.40 -3.61 0.07
CA PRO B 254 -31.96 -2.36 -0.56
C PRO B 254 -32.42 -1.15 0.23
N LEU B 255 -31.57 -0.12 0.26
CA LEU B 255 -31.78 1.14 0.97
C LEU B 255 -31.83 0.97 2.48
N GLU B 256 -31.61 -0.24 2.99
CA GLU B 256 -31.50 -0.45 4.43
C GLU B 256 -30.14 0.05 4.90
N GLU B 257 -30.13 0.77 6.02
CA GLU B 257 -28.91 1.40 6.50
C GLU B 257 -27.91 0.35 6.99
N LEU B 258 -26.64 0.52 6.60
CA LEU B 258 -25.57 -0.37 7.00
C LEU B 258 -25.02 0.09 8.35
N THR B 259 -25.23 -0.72 9.38
CA THR B 259 -24.83 -0.37 10.74
C THR B 259 -24.06 -1.53 11.37
N PHE B 260 -23.01 -1.19 12.12
CA PHE B 260 -22.22 -2.18 12.84
C PHE B 260 -22.02 -1.72 14.28
N ASP B 261 -21.75 -2.69 15.15
CA ASP B 261 -21.55 -2.41 16.56
C ASP B 261 -20.19 -1.75 16.77
N TYR B 262 -20.19 -0.55 17.38
CA TYR B 262 -18.94 0.14 17.63
C TYR B 262 -18.10 -0.56 18.68
N ALA B 263 -18.75 -1.24 19.63
CA ALA B 263 -18.04 -2.02 20.64
C ALA B 263 -17.65 -3.40 20.14
N GLY B 264 -18.00 -3.75 18.90
CA GLY B 264 -17.66 -5.06 18.39
C GLY B 264 -18.50 -6.15 19.02
N ALA B 265 -18.01 -7.38 18.89
CA ALA B 265 -18.71 -8.52 19.47
C ALA B 265 -18.60 -8.48 20.98
N LYS B 266 -19.76 -8.53 21.65
CA LYS B 266 -19.78 -8.48 23.10
C LYS B 266 -19.28 -9.81 23.68
N ASP B 267 -18.76 -9.75 24.90
CA ASP B 267 -18.31 -10.94 25.59
C ASP B 267 -19.51 -11.84 25.92
N PHE B 268 -19.22 -12.97 26.55
CA PHE B 268 -20.24 -13.95 26.91
C PHE B 268 -20.28 -14.29 28.39
N SER B 269 -19.13 -14.27 29.09
CA SER B 269 -19.09 -14.58 30.52
C SER B 269 -19.45 -13.38 31.41
N PRO B 270 -18.78 -12.20 31.27
CA PRO B 270 -18.97 -11.14 32.29
C PRO B 270 -20.28 -10.39 32.11
N VAL B 271 -21.16 -10.50 33.10
CA VAL B 271 -22.42 -9.78 33.06
C VAL B 271 -22.19 -8.27 33.23
N GLN B 272 -21.14 -7.89 33.95
CA GLN B 272 -20.82 -6.50 34.22
C GLN B 272 -19.41 -6.11 33.81
N SER B 273 -18.44 -7.02 33.98
CA SER B 273 -17.04 -6.76 33.64
C SER B 273 -16.51 -5.51 34.34
N LYS B 283 -23.77 7.52 29.99
CA LYS B 283 -23.20 6.98 28.76
C LYS B 283 -21.74 7.40 28.61
N LEU B 284 -21.26 7.38 27.38
CA LEU B 284 -19.89 7.82 27.10
C LEU B 284 -19.84 8.92 26.04
N ARG B 285 -20.68 8.84 25.01
CA ARG B 285 -20.67 9.85 23.97
C ARG B 285 -22.01 10.49 23.72
N ARG B 286 -23.10 9.73 23.75
CA ARG B 286 -24.41 10.21 23.31
C ARG B 286 -25.44 9.15 23.69
N GLN B 287 -26.71 9.55 23.68
CA GLN B 287 -27.79 8.58 23.77
C GLN B 287 -27.92 7.86 22.43
N CYS B 288 -27.87 6.54 22.45
CA CYS B 288 -27.92 5.75 21.23
C CYS B 288 -29.31 5.85 20.62
N LYS B 289 -29.39 6.39 19.41
CA LYS B 289 -30.65 6.58 18.69
C LYS B 289 -30.74 5.65 17.48
N CYS B 290 -30.23 4.42 17.62
CA CYS B 290 -30.33 3.46 16.53
C CYS B 290 -31.74 2.91 16.37
N GLY B 291 -32.58 3.01 17.39
CA GLY B 291 -33.97 2.62 17.30
C GLY B 291 -34.22 1.13 17.40
N SER B 292 -33.21 0.33 17.73
CA SER B 292 -33.39 -1.11 17.82
C SER B 292 -34.27 -1.48 19.01
N ALA B 293 -34.97 -2.61 18.88
CA ALA B 293 -35.76 -3.10 20.00
C ALA B 293 -34.88 -3.47 21.18
N ASN B 294 -33.67 -3.97 20.92
CA ASN B 294 -32.74 -4.34 21.99
C ASN B 294 -31.77 -3.24 22.28
N CYS B 295 -32.01 -2.09 21.71
CA CYS B 295 -31.05 -1.00 21.79
C CYS B 295 -30.52 -0.84 23.20
N ARG B 296 -29.20 -0.98 23.34
CA ARG B 296 -28.58 -0.81 24.65
C ARG B 296 -28.80 0.60 25.18
N GLY B 297 -28.81 1.59 24.28
CA GLY B 297 -28.96 2.97 24.68
C GLY B 297 -27.68 3.65 25.07
N TRP B 298 -26.57 2.92 25.12
CA TRP B 298 -25.26 3.45 25.48
C TRP B 298 -24.26 3.03 24.41
N LEU B 299 -23.97 3.93 23.47
CA LEU B 299 -22.98 3.66 22.44
C LEU B 299 -21.66 4.28 22.87
N PHE B 300 -20.59 3.51 22.72
CA PHE B 300 -19.25 3.88 23.19
C PHE B 300 -18.37 4.09 21.97
N GLY B 301 -18.27 5.31 21.50
CA GLY B 301 -17.50 5.54 20.29
C GLY B 301 -18.21 6.52 19.39
N MET C 1 27.28 -4.77 25.97
CA MET C 1 26.18 -5.48 25.32
C MET C 1 26.45 -5.64 23.83
N GLN C 2 25.57 -6.38 23.16
CA GLN C 2 25.68 -6.63 21.72
C GLN C 2 24.51 -6.03 20.98
N ILE C 3 24.79 -5.48 19.80
CA ILE C 3 23.76 -5.03 18.87
C ILE C 3 24.12 -5.57 17.48
N PHE C 4 23.15 -5.52 16.58
CA PHE C 4 23.30 -6.05 15.24
C PHE C 4 22.91 -4.98 14.22
N VAL C 5 23.78 -4.76 13.24
CA VAL C 5 23.55 -3.80 12.17
C VAL C 5 23.36 -4.57 10.87
N LYS C 6 22.22 -4.36 10.22
CA LYS C 6 21.87 -5.09 9.01
C LYS C 6 21.98 -4.19 7.79
N THR C 7 22.64 -4.69 6.75
CA THR C 7 22.80 -4.00 5.48
C THR C 7 21.69 -4.43 4.52
N LEU C 8 21.48 -3.61 3.47
CA LEU C 8 20.53 -3.96 2.43
C LEU C 8 20.91 -5.27 1.73
N THR C 9 22.20 -5.62 1.74
CA THR C 9 22.64 -6.89 1.17
C THR C 9 22.10 -8.08 1.98
N GLY C 10 21.96 -7.90 3.29
CA GLY C 10 21.65 -9.00 4.19
C GLY C 10 22.77 -9.32 5.15
N LYS C 11 23.90 -8.63 5.05
CA LYS C 11 24.99 -8.81 6.00
C LYS C 11 24.55 -8.34 7.38
N THR C 12 24.94 -9.10 8.40
CA THR C 12 24.61 -8.78 9.78
C THR C 12 25.91 -8.62 10.55
N ILE C 13 26.26 -7.37 10.85
CA ILE C 13 27.46 -7.06 11.61
C ILE C 13 27.11 -7.07 13.10
N THR C 14 27.93 -7.74 13.90
CA THR C 14 27.77 -7.77 15.34
C THR C 14 28.68 -6.72 15.95
N LEU C 15 28.11 -5.87 16.81
CA LEU C 15 28.87 -4.85 17.51
C LEU C 15 28.75 -5.05 19.01
N GLU C 16 29.86 -4.91 19.71
CA GLU C 16 29.89 -4.84 21.17
C GLU C 16 29.89 -3.37 21.57
N VAL C 17 28.83 -2.93 22.24
CA VAL C 17 28.65 -1.52 22.57
C VAL C 17 28.08 -1.40 23.98
N GLU C 18 27.88 -0.17 24.41
CA GLU C 18 27.28 0.19 25.68
C GLU C 18 26.18 1.21 25.42
N PRO C 19 25.21 1.31 26.33
CA PRO C 19 24.12 2.30 26.12
C PRO C 19 24.61 3.73 25.95
N SER C 20 25.76 4.06 26.53
CA SER C 20 26.31 5.41 26.45
C SER C 20 27.21 5.62 25.23
N ASP C 21 27.36 4.62 24.37
CA ASP C 21 28.15 4.81 23.16
C ASP C 21 27.44 5.80 22.24
N THR C 22 28.17 6.82 21.81
CA THR C 22 27.62 7.79 20.88
C THR C 22 27.40 7.13 19.52
N ILE C 23 26.46 7.69 18.75
CA ILE C 23 26.26 7.22 17.38
C ILE C 23 27.53 7.37 16.57
N GLU C 24 28.34 8.40 16.88
CA GLU C 24 29.65 8.54 16.25
C GLU C 24 30.55 7.36 16.59
N ASN C 25 30.54 6.93 17.86
CA ASN C 25 31.33 5.76 18.26
C ASN C 25 30.85 4.51 17.53
N VAL C 26 29.54 4.36 17.39
CA VAL C 26 28.99 3.20 16.69
C VAL C 26 29.41 3.22 15.21
N LYS C 27 29.40 4.41 14.60
CA LYS C 27 29.86 4.51 13.21
C LYS C 27 31.35 4.18 13.10
N ALA C 28 32.14 4.62 14.07
CA ALA C 28 33.57 4.28 14.06
C ALA C 28 33.78 2.78 14.20
N LYS C 29 32.97 2.14 15.06
CA LYS C 29 33.06 0.69 15.20
C LYS C 29 32.65 -0.02 13.92
N ILE C 30 31.62 0.49 13.24
CA ILE C 30 31.22 -0.07 11.95
C ILE C 30 32.36 0.08 10.94
N GLN C 31 33.04 1.23 10.95
CA GLN C 31 34.17 1.43 10.05
C GLN C 31 35.29 0.44 10.36
N ASP C 32 35.59 0.23 11.64
CA ASP C 32 36.65 -0.70 12.00
C ASP C 32 36.31 -2.13 11.58
N LYS C 33 35.05 -2.54 11.77
CA LYS C 33 34.66 -3.91 11.52
C LYS C 33 34.32 -4.21 10.05
N GLU C 34 34.02 -3.19 9.25
CA GLU C 34 33.65 -3.41 7.86
C GLU C 34 34.30 -2.48 6.85
N GLY C 35 34.99 -1.42 7.29
CA GLY C 35 35.60 -0.50 6.35
C GLY C 35 34.65 0.55 5.79
N ILE C 36 33.45 0.69 6.34
CA ILE C 36 32.49 1.69 5.88
C ILE C 36 32.82 3.02 6.53
N PRO C 37 33.20 4.04 5.76
CA PRO C 37 33.47 5.36 6.36
C PRO C 37 32.22 5.92 7.02
N PRO C 38 32.39 6.60 8.15
CA PRO C 38 31.21 7.12 8.87
C PRO C 38 30.39 8.11 8.06
N ASP C 39 31.03 8.87 7.16
CA ASP C 39 30.31 9.89 6.41
C ASP C 39 29.30 9.30 5.45
N GLN C 40 29.53 8.06 4.99
CA GLN C 40 28.59 7.39 4.11
C GLN C 40 27.71 6.38 4.84
N GLN C 41 27.73 6.38 6.17
CA GLN C 41 26.83 5.55 6.96
C GLN C 41 25.53 6.29 7.22
N ARG C 42 24.42 5.56 7.20
CA ARG C 42 23.13 6.07 7.64
C ARG C 42 22.53 5.02 8.55
N LEU C 43 22.66 5.22 9.86
CA LEU C 43 22.08 4.32 10.84
C LEU C 43 20.63 4.70 11.09
N ILE C 44 19.73 3.71 11.05
CA ILE C 44 18.30 3.92 11.20
C ILE C 44 17.78 2.94 12.24
N PHE C 45 16.99 3.46 13.18
CA PHE C 45 16.34 2.68 14.22
C PHE C 45 14.98 3.30 14.48
N ALA C 46 13.94 2.46 14.47
CA ALA C 46 12.56 2.90 14.69
C ALA C 46 12.15 3.99 13.69
N GLY C 47 12.52 3.81 12.42
CA GLY C 47 12.11 4.72 11.37
C GLY C 47 12.73 6.10 11.42
N LYS C 48 13.74 6.31 12.26
CA LYS C 48 14.40 7.60 12.36
C LYS C 48 15.90 7.43 12.20
N GLN C 49 16.53 8.43 11.60
CA GLN C 49 17.97 8.41 11.36
C GLN C 49 18.72 8.80 12.64
N LEU C 50 19.74 8.01 12.99
CA LEU C 50 20.50 8.25 14.21
C LEU C 50 21.45 9.41 14.03
N GLU C 51 21.46 10.33 15.00
CA GLU C 51 22.26 11.55 14.94
C GLU C 51 23.53 11.41 15.76
N ASP C 52 24.56 12.14 15.34
CA ASP C 52 25.90 11.96 15.91
C ASP C 52 25.95 12.30 17.39
N GLY C 53 25.37 13.43 17.78
CA GLY C 53 25.58 13.94 19.12
C GLY C 53 25.04 13.04 20.21
N ARG C 54 24.01 12.26 19.92
CA ARG C 54 23.33 11.47 20.93
C ARG C 54 23.99 10.10 21.09
N THR C 55 23.53 9.35 22.09
CA THR C 55 24.00 8.02 22.38
C THR C 55 22.91 6.99 22.06
N LEU C 56 23.25 5.72 22.22
CA LEU C 56 22.28 4.65 22.02
C LEU C 56 21.17 4.71 23.05
N SER C 57 21.51 5.08 24.29
CA SER C 57 20.50 5.14 25.34
C SER C 57 19.44 6.19 25.04
N ASP C 58 19.85 7.31 24.43
CA ASP C 58 18.89 8.37 24.09
C ASP C 58 17.81 7.88 23.15
N TYR C 59 18.16 6.94 22.26
CA TYR C 59 17.21 6.36 21.32
C TYR C 59 16.54 5.11 21.87
N ASN C 60 16.74 4.80 23.15
CA ASN C 60 16.15 3.61 23.78
C ASN C 60 16.57 2.34 23.05
N ILE C 61 17.85 2.26 22.69
CA ILE C 61 18.41 1.09 22.04
C ILE C 61 19.01 0.20 23.12
N GLN C 62 18.38 -0.95 23.36
CA GLN C 62 18.83 -1.89 24.36
C GLN C 62 19.68 -2.98 23.72
N LYS C 63 20.03 -3.99 24.50
CA LYS C 63 20.85 -5.10 24.01
C LYS C 63 20.11 -5.89 22.93
N GLU C 64 20.90 -6.52 22.06
CA GLU C 64 20.41 -7.35 20.94
C GLU C 64 19.35 -6.63 20.12
N SER C 65 19.41 -5.30 20.09
CA SER C 65 18.55 -4.51 19.22
C SER C 65 19.11 -4.53 17.80
N THR C 66 18.30 -4.07 16.86
CA THR C 66 18.64 -4.13 15.44
C THR C 66 18.67 -2.72 14.88
N LEU C 67 19.83 -2.33 14.35
CA LEU C 67 20.01 -1.10 13.60
C LEU C 67 20.11 -1.46 12.12
N HIS C 68 19.75 -0.53 11.25
CA HIS C 68 19.82 -0.78 9.82
C HIS C 68 20.71 0.26 9.17
N LEU C 69 21.62 -0.20 8.32
CA LEU C 69 22.64 0.65 7.71
C LEU C 69 22.30 0.87 6.25
N VAL C 70 22.10 2.14 5.88
CA VAL C 70 21.97 2.55 4.49
C VAL C 70 23.26 3.24 4.10
N LEU C 71 23.93 2.72 3.06
CA LEU C 71 25.15 3.34 2.59
C LEU C 71 24.79 4.54 1.72
N ARG C 72 25.28 5.72 2.12
CA ARG C 72 24.90 6.94 1.44
C ARG C 72 25.42 6.96 0.01
N LEU C 73 24.60 7.43 -0.91
CA LEU C 73 24.97 7.61 -2.30
C LEU C 73 24.60 9.02 -2.73
N ARG C 74 25.33 9.53 -3.73
CA ARG C 74 25.14 10.90 -4.19
C ARG C 74 24.59 10.97 -5.61
N GLY C 75 25.29 10.40 -6.58
CA GLY C 75 24.84 10.39 -7.95
C GLY C 75 24.18 9.08 -8.33
N CYS C 76 23.09 8.74 -7.66
CA CYS C 76 22.34 7.49 -7.87
C CYS C 76 23.25 6.30 -8.12
N MET D 1 27.90 -23.62 11.53
CA MET D 1 27.82 -22.23 11.08
C MET D 1 26.99 -21.38 12.05
N GLN D 2 27.07 -20.06 11.86
CA GLN D 2 26.34 -19.11 12.68
C GLN D 2 25.21 -18.50 11.86
N ILE D 3 24.01 -18.49 12.42
CA ILE D 3 22.85 -17.88 11.77
C ILE D 3 22.18 -16.93 12.76
N PHE D 4 21.24 -16.15 12.25
CA PHE D 4 20.53 -15.15 13.03
C PHE D 4 19.03 -15.38 12.94
N VAL D 5 18.32 -15.00 13.99
CA VAL D 5 16.86 -15.04 14.02
C VAL D 5 16.35 -13.69 14.51
N LYS D 6 15.44 -13.10 13.75
CA LYS D 6 14.88 -11.79 14.05
C LYS D 6 13.45 -11.97 14.54
N THR D 7 13.13 -11.38 15.68
CA THR D 7 11.81 -11.49 16.29
C THR D 7 11.02 -10.21 16.06
N LEU D 8 9.72 -10.28 16.37
CA LEU D 8 8.84 -9.13 16.18
C LEU D 8 9.21 -7.96 17.08
N THR D 9 9.54 -8.25 18.35
CA THR D 9 9.81 -7.18 19.31
C THR D 9 11.16 -6.48 19.09
N GLY D 10 11.89 -6.77 18.02
CA GLY D 10 13.14 -6.11 17.71
C GLY D 10 14.38 -6.88 18.12
N LYS D 11 14.25 -7.85 19.03
CA LYS D 11 15.41 -8.64 19.45
C LYS D 11 15.93 -9.48 18.29
N THR D 12 17.25 -9.68 18.29
CA THR D 12 17.90 -10.55 17.33
C THR D 12 18.75 -11.57 18.09
N ILE D 13 18.53 -12.85 17.79
CA ILE D 13 19.19 -13.96 18.46
C ILE D 13 20.22 -14.55 17.51
N THR D 14 21.36 -14.96 18.05
CA THR D 14 22.35 -15.70 17.28
C THR D 14 22.25 -17.18 17.62
N LEU D 15 22.48 -18.03 16.61
CA LEU D 15 22.35 -19.47 16.78
C LEU D 15 23.53 -20.16 16.13
N GLU D 16 23.93 -21.29 16.72
CA GLU D 16 24.95 -22.19 16.20
C GLU D 16 24.23 -23.40 15.62
N VAL D 17 24.20 -23.52 14.30
CA VAL D 17 23.52 -24.60 13.62
C VAL D 17 24.47 -25.22 12.60
N GLU D 18 23.96 -26.20 11.87
CA GLU D 18 24.66 -26.84 10.77
C GLU D 18 23.68 -26.99 9.61
N PRO D 19 24.19 -27.08 8.38
CA PRO D 19 23.28 -27.31 7.24
C PRO D 19 22.47 -28.59 7.39
N SER D 20 23.01 -29.60 8.06
CA SER D 20 22.28 -30.83 8.31
C SER D 20 21.15 -30.66 9.31
N ASP D 21 21.14 -29.57 10.08
CA ASP D 21 20.12 -29.36 11.09
C ASP D 21 18.73 -29.31 10.47
N THR D 22 17.76 -29.88 11.18
CA THR D 22 16.37 -29.76 10.79
C THR D 22 15.76 -28.52 11.42
N ILE D 23 14.69 -28.02 10.79
CA ILE D 23 14.00 -26.84 11.30
C ILE D 23 13.40 -27.13 12.67
N GLU D 24 13.05 -28.39 12.94
CA GLU D 24 12.64 -28.77 14.29
C GLU D 24 13.80 -28.60 15.28
N ASN D 25 15.02 -28.95 14.87
CA ASN D 25 16.17 -28.72 15.73
C ASN D 25 16.42 -27.23 15.93
N VAL D 26 16.18 -26.42 14.88
CA VAL D 26 16.36 -24.98 15.02
C VAL D 26 15.32 -24.41 15.99
N LYS D 27 14.09 -24.91 15.93
CA LYS D 27 13.08 -24.47 16.88
C LYS D 27 13.42 -24.92 18.30
N ALA D 28 13.99 -26.12 18.44
CA ALA D 28 14.43 -26.57 19.76
C ALA D 28 15.56 -25.71 20.30
N LYS D 29 16.50 -25.31 19.45
CA LYS D 29 17.57 -24.42 19.87
C LYS D 29 17.02 -23.05 20.27
N ILE D 30 16.04 -22.54 19.51
CA ILE D 30 15.40 -21.28 19.86
C ILE D 30 14.71 -21.41 21.22
N GLN D 31 14.07 -22.54 21.47
CA GLN D 31 13.48 -22.79 22.79
C GLN D 31 14.55 -22.78 23.89
N ASP D 32 15.66 -23.46 23.64
CA ASP D 32 16.70 -23.59 24.65
C ASP D 32 17.37 -22.25 24.95
N LYS D 33 17.40 -21.34 23.97
CA LYS D 33 18.05 -20.05 24.16
C LYS D 33 17.08 -18.94 24.57
N GLU D 34 15.78 -19.10 24.33
CA GLU D 34 14.81 -18.04 24.59
C GLU D 34 13.56 -18.50 25.33
N GLY D 35 13.31 -19.79 25.44
CA GLY D 35 12.11 -20.27 26.12
C GLY D 35 10.84 -20.09 25.33
N ILE D 36 10.84 -20.56 24.08
CA ILE D 36 9.66 -20.49 23.21
C ILE D 36 9.39 -21.90 22.70
N PRO D 37 8.22 -22.49 22.99
CA PRO D 37 7.94 -23.87 22.57
C PRO D 37 7.99 -24.00 21.05
N PRO D 38 8.56 -25.10 20.54
CA PRO D 38 8.71 -25.24 19.08
C PRO D 38 7.40 -25.22 18.33
N ASP D 39 6.32 -25.76 18.91
CA ASP D 39 5.03 -25.77 18.20
C ASP D 39 4.51 -24.36 17.97
N GLN D 40 4.86 -23.42 18.84
CA GLN D 40 4.47 -22.02 18.68
C GLN D 40 5.55 -21.21 17.97
N GLN D 41 6.04 -21.70 16.84
CA GLN D 41 7.13 -21.05 16.11
C GLN D 41 6.92 -21.21 14.61
N ARG D 42 7.13 -20.12 13.88
CA ARG D 42 7.11 -20.13 12.42
C ARG D 42 8.39 -19.45 11.94
N LEU D 43 9.27 -20.22 11.31
CA LEU D 43 10.51 -19.67 10.77
C LEU D 43 10.31 -19.34 9.31
N ILE D 44 10.73 -18.14 8.91
CA ILE D 44 10.49 -17.63 7.57
C ILE D 44 11.83 -17.18 6.98
N PHE D 45 12.06 -17.55 5.72
CA PHE D 45 13.28 -17.18 5.01
C PHE D 45 12.94 -16.97 3.54
N ALA D 46 13.35 -15.84 2.98
CA ALA D 46 13.17 -15.52 1.57
C ALA D 46 11.70 -15.60 1.14
N GLY D 47 10.79 -15.25 2.03
CA GLY D 47 9.38 -15.25 1.69
C GLY D 47 8.70 -16.60 1.77
N LYS D 48 9.34 -17.59 2.39
CA LYS D 48 8.77 -18.93 2.52
C LYS D 48 8.89 -19.40 3.96
N GLN D 49 7.85 -20.07 4.45
CA GLN D 49 7.89 -20.66 5.77
C GLN D 49 8.66 -21.98 5.74
N LEU D 50 9.38 -22.26 6.83
CA LEU D 50 10.22 -23.44 6.92
C LEU D 50 9.45 -24.55 7.63
N GLU D 51 9.37 -25.71 6.99
CA GLU D 51 8.67 -26.85 7.56
C GLU D 51 9.55 -27.61 8.54
N ASP D 52 8.91 -28.23 9.53
CA ASP D 52 9.63 -28.82 10.66
C ASP D 52 10.56 -29.94 10.22
N GLY D 53 10.07 -30.85 9.38
CA GLY D 53 10.85 -32.01 9.00
C GLY D 53 12.04 -31.70 8.11
N ARG D 54 11.98 -30.59 7.38
CA ARG D 54 13.02 -30.26 6.42
C ARG D 54 14.29 -29.80 7.13
N THR D 55 15.37 -29.67 6.36
CA THR D 55 16.65 -29.22 6.86
C THR D 55 16.99 -27.85 6.30
N LEU D 56 17.91 -27.16 6.98
CA LEU D 56 18.33 -25.83 6.56
C LEU D 56 18.93 -25.83 5.16
N SER D 57 19.73 -26.84 4.85
CA SER D 57 20.39 -26.89 3.55
C SER D 57 19.37 -27.00 2.41
N ASP D 58 18.22 -27.62 2.66
CA ASP D 58 17.19 -27.73 1.63
C ASP D 58 16.65 -26.37 1.22
N TYR D 59 16.74 -25.37 2.10
CA TYR D 59 16.34 -24.01 1.80
C TYR D 59 17.50 -23.12 1.37
N ASN D 60 18.68 -23.72 1.16
CA ASN D 60 19.88 -22.97 0.75
C ASN D 60 20.17 -21.82 1.73
N ILE D 61 20.02 -22.10 3.02
CA ILE D 61 20.28 -21.13 4.08
C ILE D 61 21.73 -21.31 4.49
N GLN D 62 22.59 -20.42 4.02
CA GLN D 62 24.02 -20.53 4.27
C GLN D 62 24.38 -19.80 5.56
N LYS D 63 25.68 -19.64 5.82
CA LYS D 63 26.13 -19.02 7.06
C LYS D 63 25.72 -17.56 7.12
N GLU D 64 25.57 -17.05 8.33
CA GLU D 64 25.24 -15.65 8.60
C GLU D 64 23.91 -15.24 7.98
N SER D 65 23.05 -16.19 7.65
CA SER D 65 21.73 -15.87 7.13
C SER D 65 20.80 -15.48 8.27
N THR D 66 19.68 -14.84 7.92
CA THR D 66 18.74 -14.32 8.90
C THR D 66 17.37 -14.93 8.67
N LEU D 67 16.92 -15.76 9.59
CA LEU D 67 15.55 -16.25 9.61
C LEU D 67 14.69 -15.31 10.44
N HIS D 68 13.39 -15.33 10.18
CA HIS D 68 12.45 -14.45 10.89
C HIS D 68 11.44 -15.31 11.63
N LEU D 69 11.33 -15.07 12.93
CA LEU D 69 10.49 -15.89 13.80
C LEU D 69 9.16 -15.20 14.02
N VAL D 70 8.08 -15.91 13.73
CA VAL D 70 6.72 -15.45 13.96
C VAL D 70 6.07 -16.37 14.98
N LEU D 71 5.53 -15.79 16.05
CA LEU D 71 4.86 -16.56 17.07
C LEU D 71 3.40 -16.78 16.69
N ARG D 72 2.96 -18.04 16.74
CA ARG D 72 1.65 -18.40 16.23
C ARG D 72 0.54 -17.77 17.05
N LEU D 73 -0.60 -17.56 16.39
CA LEU D 73 -1.81 -17.13 17.07
C LEU D 73 -2.51 -18.35 17.66
N ARG D 74 -2.96 -18.22 18.89
CA ARG D 74 -3.67 -19.31 19.51
C ARG D 74 -5.09 -18.92 19.80
N GLY D 75 -5.28 -17.75 20.40
CA GLY D 75 -6.61 -17.29 20.74
C GLY D 75 -7.72 -17.78 19.84
N CYS D 76 -7.67 -17.41 18.57
CA CYS D 76 -8.74 -17.77 17.64
C CYS D 76 -8.35 -17.41 16.22
N THR E 4 15.00 -7.11 -24.53
CA THR E 4 15.71 -6.34 -25.54
C THR E 4 14.88 -5.15 -26.00
N ALA E 5 13.58 -5.36 -26.18
CA ALA E 5 12.64 -4.31 -26.54
C ALA E 5 11.68 -4.11 -25.36
N ARG E 6 12.11 -3.30 -24.40
CA ARG E 6 11.30 -2.98 -23.24
C ARG E 6 11.40 -1.49 -22.97
N NLE E 7 10.34 -0.90 -22.43
CA NLE E 7 10.39 0.49 -22.02
C NLE E 7 11.44 0.67 -20.94
O NLE E 7 11.55 -0.15 -20.03
CB NLE E 7 9.01 0.96 -21.54
CG NLE E 7 8.03 1.23 -22.67
CD NLE E 7 6.62 1.40 -22.14
CE NLE E 7 6.11 0.09 -21.55
N SER E 8 12.24 1.73 -21.05
CA SER E 8 13.34 1.95 -20.13
C SER E 8 13.37 3.39 -19.61
N THR E 9 13.70 3.54 -18.33
CA THR E 9 13.90 4.88 -17.78
C THR E 9 15.14 5.56 -18.34
N GLY E 10 16.01 4.81 -19.03
CA GLY E 10 17.23 5.35 -19.57
C GLY E 10 18.34 5.53 -18.57
N GLY E 11 18.14 5.13 -17.32
CA GLY E 11 19.13 5.31 -16.29
C GLY E 11 19.21 6.75 -15.81
N CYS E 12 19.65 6.93 -14.56
CA CYS E 12 19.80 8.28 -14.02
C CYS E 12 21.08 8.96 -14.48
N ALA E 13 21.95 8.25 -15.19
CA ALA E 13 23.20 8.84 -15.66
C ALA E 13 23.00 10.16 -16.40
N PRO E 14 22.02 10.33 -17.29
CA PRO E 14 21.64 11.69 -17.70
C PRO E 14 20.67 12.30 -16.71
N ARG E 15 20.79 13.63 -16.53
CA ARG E 15 19.98 14.33 -15.53
C ARG E 15 18.49 14.21 -15.80
N LYS E 16 18.10 13.98 -17.06
CA LYS E 16 16.70 13.99 -17.49
C LYS E 16 16.00 15.33 -17.23
N GLN E 17 16.58 16.36 -17.82
CA GLN E 17 16.09 17.73 -17.70
C GLN E 17 15.31 18.18 -18.93
N GLN F 3 -15.50 1.84 28.88
CA GLN F 3 -14.32 1.63 28.05
C GLN F 3 -13.83 2.96 27.47
N THR F 4 -13.31 2.90 26.25
CA THR F 4 -12.82 4.07 25.54
C THR F 4 -13.82 4.49 24.47
N ALA F 5 -13.90 5.80 24.24
CA ALA F 5 -14.84 6.37 23.27
C ALA F 5 -14.29 6.22 21.85
N ARG F 6 -14.01 4.97 21.48
CA ARG F 6 -13.53 4.63 20.15
C ARG F 6 -14.20 3.36 19.67
N NLE F 7 -14.17 3.13 18.37
CA NLE F 7 -14.70 1.90 17.79
C NLE F 7 -13.70 0.77 17.97
O NLE F 7 -12.48 0.98 17.88
CB NLE F 7 -15.03 2.10 16.31
CG NLE F 7 -16.10 3.17 16.08
CD NLE F 7 -16.22 3.51 14.60
CE NLE F 7 -14.97 4.17 14.07
N SER F 8 -14.19 -0.44 18.25
CA SER F 8 -13.30 -1.58 18.48
C SER F 8 -13.80 -2.83 17.75
N THR F 9 -12.87 -3.76 17.53
CA THR F 9 -13.23 -5.02 16.89
C THR F 9 -14.04 -5.92 17.82
N GLY F 10 -13.75 -5.88 19.12
CA GLY F 10 -14.36 -6.76 20.09
C GLY F 10 -13.45 -7.86 20.60
N GLY F 11 -12.32 -8.09 19.94
CA GLY F 11 -11.35 -9.06 20.41
C GLY F 11 -11.30 -10.30 19.52
N CYS F 12 -10.43 -11.23 19.93
CA CYS F 12 -10.18 -12.44 19.14
C CYS F 12 -11.24 -13.51 19.37
N ALA F 13 -11.38 -13.97 20.62
CA ALA F 13 -12.21 -15.14 20.88
C ALA F 13 -13.67 -14.94 20.50
N PRO F 14 -14.36 -13.85 20.87
CA PRO F 14 -15.72 -13.66 20.35
C PRO F 14 -15.71 -13.45 18.84
N ARG F 15 -16.75 -13.96 18.19
CA ARG F 15 -16.87 -13.86 16.74
C ARG F 15 -18.15 -13.13 16.36
N LYS F 16 -18.39 -13.05 15.06
CA LYS F 16 -19.62 -12.48 14.54
C LYS F 16 -20.83 -13.26 15.06
N GLN F 17 -21.84 -12.52 15.51
CA GLN F 17 -23.07 -13.14 15.98
C GLN F 17 -24.26 -12.21 15.76
N SAM G . -2.03 -0.37 -25.92
CA SAM G . -1.97 0.69 -26.92
C SAM G . -2.18 0.13 -28.32
O SAM G . -3.17 -0.54 -28.59
OXT SAM G . -1.36 0.35 -29.22
CB SAM G . -0.65 1.44 -26.83
CG SAM G . 0.19 1.18 -25.58
SD SAM G . 1.40 -0.17 -25.73
CE SAM G . 2.44 0.12 -24.28
C5' SAM G . 2.49 0.53 -27.00
C4' SAM G . 2.31 -0.17 -28.34
O4' SAM G . 1.91 0.79 -29.30
C3' SAM G . 3.61 -0.81 -28.80
O3' SAM G . 3.47 -2.21 -28.85
C2' SAM G . 3.87 -0.26 -30.18
O2' SAM G . 3.71 -1.28 -31.15
C1' SAM G . 2.81 0.80 -30.39
N9 SAM G . 3.47 2.11 -30.43
C8 SAM G . 3.70 2.94 -29.36
N7 SAM G . 4.32 4.05 -29.80
C5 SAM G . 4.49 3.95 -31.14
C6 SAM G . 5.07 4.79 -32.08
N6 SAM G . 5.59 5.96 -31.70
N1 SAM G . 5.10 4.40 -33.40
C2 SAM G . 4.56 3.20 -33.79
N3 SAM G . 3.99 2.36 -32.85
C4 SAM G . 3.96 2.74 -31.55
ZN ZN H . 9.67 8.52 -33.87
ZN ZN I . 10.01 13.87 4.73
ZN ZN J . 7.26 16.32 3.85
ZN ZN K . 10.82 17.30 5.58
N SAM L . -19.86 10.72 11.18
CA SAM L . -20.99 10.19 10.42
C SAM L . -22.29 10.85 10.87
O SAM L . -23.03 10.33 11.71
OXT SAM L . -22.64 11.92 10.38
CB SAM L . -21.06 8.67 10.55
CG SAM L . -20.86 8.07 11.94
SD SAM L . -19.37 8.62 12.80
CE SAM L . -18.22 7.29 12.41
C5' SAM L . -19.80 8.21 14.50
C4' SAM L . -20.62 9.28 15.21
O4' SAM L . -21.95 9.27 14.73
C3' SAM L . -20.67 9.02 16.70
O3' SAM L . -19.77 9.85 17.40
C2' SAM L . -22.10 9.34 17.11
O2' SAM L . -22.16 10.61 17.69
C1' SAM L . -22.87 9.34 15.81
N9 SAM L . -23.68 8.12 15.80
C8 SAM L . -23.35 6.93 15.22
N7 SAM L . -24.35 6.04 15.45
C5 SAM L . -25.30 6.64 16.19
C6 SAM L . -26.51 6.19 16.71
N6 SAM L . -26.90 4.94 16.50
N1 SAM L . -27.28 7.05 17.46
C2 SAM L . -26.87 8.35 17.68
N3 SAM L . -25.67 8.78 17.17
C4 SAM L . -24.89 7.95 16.43
ZN ZN M . -28.83 1.40 20.22
ZN ZN N . -1.71 -17.59 -0.38
ZN ZN O . -2.99 -20.90 -1.37
ZN ZN P . -4.34 -17.51 -3.13
#